data_6MKF
#
_entry.id   6MKF
#
_cell.length_a   192.933
_cell.length_b   192.933
_cell.length_c   155.860
_cell.angle_alpha   90.00
_cell.angle_beta   90.00
_cell.angle_gamma   120.00
#
_symmetry.space_group_name_H-M   'P 63 2 2'
#
loop_
_entity.id
_entity.type
_entity.pdbx_description
1 polymer 'penicillin binding protein 5 (PBP5)'
2 non-polymer '(5R)-5-[(1S,2R)-1-formyl-2-hydroxypropyl]-3-[(2-{[(E)-iminomethyl]amino}ethyl)sulfanyl]-4,5-dihydro-1H-pyrrole-2-carbox ylic acid'
3 non-polymer 'SULFATE ION'
4 water water
#
_entity_poly.entity_id   1
_entity_poly.type   'polypeptide(L)'
_entity_poly.pdbx_seq_one_letter_code
;GHMTQAVEAGEKTVEQFVQALNKGDYNKAAEMTSKKAANKSALSEKEILDKYQNIYGAADVKGLQISNLKVDKKDDSTYS
FSYKAKMNTSLGELKDLSYKGTLDRNDGQTTINWQPNLVFPEMEGNDKVSLTTQEAARGNIIDRNGEPLATTGKLKQLGV
VPSKLGDGGEKTANIKAIASSFDLTEDAINQAISQSWVQPDYFVPLKIIDGATPELPAGATIQEVDGRYYPLGEAAAQLI
GYVGDITAEDIDKNPELSSNGKIGRSGLEMAFDKDLRGTTGGKLSITDADGVEKKVLIEHEVQNGKDIKLTIDAKAQKTA
FDSLGGKAGSTVATTPKTGDLLALASSPSYDPNKMTNGISQEDYKAYEENPEQPFISRFATGYAPGSTFKMITAAIGLDN
GTIDPNEVLTINGLKWQKDSSWGSYQVTRVSDVSQVDLKTALIYSDNIYTAQETLKMGEKKFRTGLDKFIFGEDLDLPIS
MNPAQISNEDSFNSDILLADTGYGQGELLINPIQQAAMYSVFANNGTLVYPKLIADKETKDKKNVIGETAVQTIVPDLRE
VVQDVNGTAHSLSALGIPLAAKTGTAEIKEKQDVKGKENSFLFAFNPDNQGYMMVSMLENKEDDDSATKRASELLQYLNQ
NYQ
;
_entity_poly.pdbx_strand_id   A
#
# COMPACT_ATOMS: atom_id res chain seq x y z
N THR A 4 -56.98 -7.78 0.57
CA THR A 4 -55.67 -7.18 0.75
C THR A 4 -54.61 -8.08 0.17
N GLN A 5 -55.00 -9.30 -0.22
CA GLN A 5 -54.05 -10.21 -0.83
C GLN A 5 -53.57 -9.71 -2.19
N ALA A 6 -54.33 -8.82 -2.82
CA ALA A 6 -53.92 -8.29 -4.12
C ALA A 6 -52.82 -7.26 -3.99
N VAL A 7 -52.93 -6.35 -3.02
CA VAL A 7 -51.87 -5.37 -2.80
C VAL A 7 -50.63 -6.04 -2.22
N GLU A 8 -50.78 -7.18 -1.55
CA GLU A 8 -49.61 -7.96 -1.13
C GLU A 8 -48.81 -8.44 -2.33
N ALA A 9 -49.50 -8.97 -3.34
CA ALA A 9 -48.80 -9.42 -4.55
C ALA A 9 -48.29 -8.25 -5.37
N GLY A 10 -48.98 -7.10 -5.32
CA GLY A 10 -48.49 -5.93 -6.02
C GLY A 10 -47.23 -5.38 -5.41
N GLU A 11 -47.17 -5.31 -4.07
CA GLU A 11 -45.94 -4.90 -3.41
C GLU A 11 -44.80 -5.86 -3.73
N LYS A 12 -45.09 -7.16 -3.78
CA LYS A 12 -44.08 -8.13 -4.18
C LYS A 12 -43.57 -7.86 -5.59
N THR A 13 -44.49 -7.62 -6.52
CA THR A 13 -44.12 -7.39 -7.92
C THR A 13 -43.22 -6.17 -8.06
N VAL A 14 -43.55 -5.08 -7.36
CA VAL A 14 -42.75 -3.86 -7.45
C VAL A 14 -41.35 -4.11 -6.91
N GLU A 15 -41.23 -4.88 -5.82
CA GLU A 15 -39.92 -5.11 -5.22
C GLU A 15 -39.10 -6.12 -6.00
N GLN A 16 -39.75 -7.08 -6.66
CA GLN A 16 -39.05 -7.96 -7.58
C GLN A 16 -38.56 -7.19 -8.79
N PHE A 17 -39.36 -6.23 -9.26
CA PHE A 17 -38.94 -5.37 -10.37
C PHE A 17 -37.73 -4.52 -9.99
N VAL A 18 -37.75 -3.96 -8.78
CA VAL A 18 -36.64 -3.13 -8.34
C VAL A 18 -35.40 -3.98 -8.12
N GLN A 19 -35.57 -5.20 -7.60
CA GLN A 19 -34.42 -6.07 -7.37
CA GLN A 19 -34.42 -6.07 -7.37
C GLN A 19 -33.72 -6.41 -8.68
N ALA A 20 -34.48 -6.77 -9.70
CA ALA A 20 -33.89 -7.09 -11.00
C ALA A 20 -33.17 -5.89 -11.60
N LEU A 21 -33.73 -4.69 -11.44
CA LEU A 21 -33.03 -3.49 -11.89
C LEU A 21 -31.75 -3.27 -11.10
N ASN A 22 -31.80 -3.47 -9.79
CA ASN A 22 -30.62 -3.25 -8.95
C ASN A 22 -29.50 -4.21 -9.33
N LYS A 23 -29.84 -5.45 -9.66
CA LYS A 23 -28.84 -6.44 -10.01
C LYS A 23 -28.36 -6.34 -11.45
N GLY A 24 -29.00 -5.50 -12.27
CA GLY A 24 -28.58 -5.32 -13.64
C GLY A 24 -29.20 -6.30 -14.63
N ASP A 25 -30.04 -7.23 -14.16
CA ASP A 25 -30.76 -8.13 -15.04
C ASP A 25 -31.98 -7.40 -15.59
N TYR A 26 -31.75 -6.58 -16.61
CA TYR A 26 -32.84 -5.79 -17.17
C TYR A 26 -33.85 -6.66 -17.92
N ASN A 27 -33.42 -7.82 -18.41
CA ASN A 27 -34.36 -8.70 -19.11
C ASN A 27 -35.40 -9.25 -18.16
N LYS A 28 -34.98 -9.71 -16.97
CA LYS A 28 -35.94 -10.22 -16.00
C LYS A 28 -36.89 -9.14 -15.52
N ALA A 29 -36.43 -7.89 -15.48
CA ALA A 29 -37.31 -6.79 -15.11
C ALA A 29 -38.37 -6.54 -16.18
N ALA A 30 -37.98 -6.59 -17.45
CA ALA A 30 -38.92 -6.30 -18.53
C ALA A 30 -40.01 -7.37 -18.64
N GLU A 31 -39.70 -8.60 -18.26
CA GLU A 31 -40.66 -9.69 -18.36
C GLU A 31 -41.68 -9.68 -17.21
N MET A 32 -41.69 -8.62 -16.40
CA MET A 32 -42.73 -8.39 -15.41
C MET A 32 -43.66 -7.26 -15.82
N THR A 33 -43.70 -6.92 -17.10
CA THR A 33 -44.49 -5.82 -17.61
C THR A 33 -45.65 -6.32 -18.44
N SER A 34 -46.67 -5.49 -18.53
CA SER A 34 -47.89 -5.85 -19.26
C SER A 34 -47.62 -5.85 -20.76
N LYS A 35 -48.65 -6.25 -21.52
CA LYS A 35 -48.56 -6.17 -22.97
C LYS A 35 -48.45 -4.71 -23.40
N LYS A 36 -47.87 -4.50 -24.59
CA LYS A 36 -47.69 -3.15 -25.10
C LYS A 36 -49.02 -2.58 -25.55
N ALA A 37 -49.44 -1.48 -24.94
CA ALA A 37 -50.69 -0.82 -25.28
C ALA A 37 -50.67 0.61 -24.73
N ALA A 38 -51.80 1.30 -24.88
CA ALA A 38 -51.87 2.72 -24.55
C ALA A 38 -51.84 2.96 -23.05
N ASN A 39 -52.73 2.29 -22.32
CA ASN A 39 -52.78 2.40 -20.87
C ASN A 39 -52.05 1.26 -20.18
N LYS A 40 -51.21 0.52 -20.91
CA LYS A 40 -50.43 -0.56 -20.33
C LYS A 40 -48.95 -0.25 -20.46
N SER A 41 -48.18 -1.15 -21.06
CA SER A 41 -46.75 -0.93 -21.23
C SER A 41 -46.49 -0.10 -22.48
N ALA A 42 -45.65 0.93 -22.33
CA ALA A 42 -45.36 1.81 -23.47
C ALA A 42 -44.46 1.15 -24.50
N LEU A 43 -43.77 0.07 -24.15
CA LEU A 43 -42.87 -0.61 -25.07
C LEU A 43 -42.96 -2.11 -24.84
N SER A 44 -42.45 -2.87 -25.81
CA SER A 44 -42.38 -4.32 -25.66
C SER A 44 -41.21 -4.69 -24.76
N GLU A 45 -41.08 -5.99 -24.48
CA GLU A 45 -40.05 -6.45 -23.56
C GLU A 45 -38.65 -6.17 -24.11
N LYS A 46 -38.42 -6.51 -25.39
CA LYS A 46 -37.08 -6.38 -25.95
C LYS A 46 -36.63 -4.93 -26.04
N GLU A 47 -37.55 -3.99 -26.21
CA GLU A 47 -37.16 -2.58 -26.26
C GLU A 47 -37.16 -1.93 -24.88
N ILE A 48 -37.81 -2.53 -23.88
CA ILE A 48 -37.58 -2.11 -22.51
C ILE A 48 -36.18 -2.53 -22.06
N LEU A 49 -35.77 -3.74 -22.44
CA LEU A 49 -34.41 -4.20 -22.17
C LEU A 49 -33.38 -3.21 -22.71
N ASP A 50 -33.52 -2.84 -23.98
CA ASP A 50 -32.53 -1.97 -24.61
C ASP A 50 -32.58 -0.55 -24.04
N LYS A 51 -33.75 -0.11 -23.55
CA LYS A 51 -33.85 1.21 -22.96
C LYS A 51 -33.02 1.30 -21.68
N TYR A 52 -33.24 0.37 -20.75
CA TYR A 52 -32.45 0.36 -19.51
C TYR A 52 -30.98 0.11 -19.79
N GLN A 53 -30.68 -0.86 -20.67
CA GLN A 53 -29.29 -1.21 -20.92
C GLN A 53 -28.49 -0.04 -21.48
N ASN A 54 -29.13 0.79 -22.32
CA ASN A 54 -28.42 1.91 -22.92
C ASN A 54 -28.33 3.11 -21.98
N ILE A 55 -29.41 3.41 -21.26
CA ILE A 55 -29.43 4.60 -20.43
C ILE A 55 -28.72 4.35 -19.10
N TYR A 56 -29.10 3.27 -18.40
CA TYR A 56 -28.41 2.95 -17.14
C TYR A 56 -26.95 2.60 -17.39
N GLY A 57 -26.64 2.01 -18.55
CA GLY A 57 -25.25 1.74 -18.88
C GLY A 57 -24.46 2.98 -19.22
N ALA A 58 -25.09 3.98 -19.83
CA ALA A 58 -24.37 5.19 -20.19
C ALA A 58 -23.99 6.00 -18.95
N ALA A 59 -24.87 6.03 -17.96
CA ALA A 59 -24.62 6.73 -16.71
C ALA A 59 -23.97 5.84 -15.65
N ASP A 60 -23.75 4.56 -15.95
CA ASP A 60 -23.18 3.60 -15.02
C ASP A 60 -23.99 3.55 -13.72
N VAL A 61 -25.30 3.34 -13.87
CA VAL A 61 -26.18 3.24 -12.71
C VAL A 61 -25.89 1.96 -11.94
N LYS A 62 -25.85 2.07 -10.62
CA LYS A 62 -25.56 0.94 -9.76
C LYS A 62 -26.18 1.19 -8.39
N GLY A 63 -26.68 0.11 -7.77
CA GLY A 63 -27.17 0.18 -6.41
C GLY A 63 -28.50 0.88 -6.26
N LEU A 64 -29.47 0.54 -7.09
CA LEU A 64 -30.81 1.11 -6.98
C LEU A 64 -31.53 0.51 -5.78
N GLN A 65 -31.98 1.37 -4.88
CA GLN A 65 -32.72 0.94 -3.69
C GLN A 65 -33.83 1.92 -3.40
N ILE A 66 -34.99 1.39 -2.99
CA ILE A 66 -36.20 2.18 -2.84
C ILE A 66 -36.57 2.25 -1.36
N SER A 67 -37.61 3.05 -1.08
CA SER A 67 -38.16 3.23 0.26
C SER A 67 -39.52 3.89 0.13
N ASN A 68 -40.30 3.84 1.22
CA ASN A 68 -41.59 4.51 1.32
C ASN A 68 -42.56 3.99 0.24
N LEU A 69 -42.59 2.67 0.09
CA LEU A 69 -43.42 2.04 -0.93
C LEU A 69 -44.88 2.04 -0.50
N LYS A 70 -45.74 2.63 -1.33
CA LYS A 70 -47.18 2.64 -1.12
C LYS A 70 -47.86 2.07 -2.35
N VAL A 71 -48.70 1.06 -2.15
CA VAL A 71 -49.46 0.43 -3.22
C VAL A 71 -50.94 0.50 -2.87
N ASP A 72 -51.71 1.16 -3.73
CA ASP A 72 -53.13 1.39 -3.48
C ASP A 72 -53.97 0.81 -4.61
N LYS A 73 -55.24 1.20 -4.69
CA LYS A 73 -56.15 0.70 -5.71
C LYS A 73 -56.73 1.87 -6.49
N LYS A 74 -56.67 1.79 -7.82
CA LYS A 74 -57.28 2.79 -8.68
C LYS A 74 -58.61 2.27 -9.23
N ASP A 75 -58.54 1.33 -10.17
CA ASP A 75 -59.73 0.71 -10.75
C ASP A 75 -59.93 -0.68 -10.13
N ASP A 76 -60.78 -1.48 -10.78
CA ASP A 76 -61.07 -2.81 -10.26
C ASP A 76 -59.91 -3.76 -10.48
N SER A 77 -59.15 -3.59 -11.58
CA SER A 77 -58.02 -4.45 -11.89
C SER A 77 -56.74 -3.64 -12.11
N THR A 78 -56.72 -2.38 -11.67
CA THR A 78 -55.58 -1.49 -11.83
C THR A 78 -55.17 -0.96 -10.47
N TYR A 79 -53.98 -1.36 -10.01
CA TYR A 79 -53.42 -0.90 -8.74
C TYR A 79 -52.28 0.08 -9.03
N SER A 80 -52.23 1.16 -8.25
CA SER A 80 -51.23 2.21 -8.43
C SER A 80 -50.17 2.13 -7.33
N PHE A 81 -48.91 2.30 -7.72
CA PHE A 81 -47.79 2.26 -6.78
C PHE A 81 -47.00 3.56 -6.83
N SER A 82 -46.19 3.76 -5.79
CA SER A 82 -45.28 4.90 -5.71
C SER A 82 -44.22 4.58 -4.68
N TYR A 83 -43.04 5.18 -4.85
CA TYR A 83 -41.94 5.00 -3.92
C TYR A 83 -40.88 6.05 -4.17
N LYS A 84 -40.06 6.30 -3.15
CA LYS A 84 -38.85 7.08 -3.28
C LYS A 84 -37.68 6.14 -3.53
N ALA A 85 -36.65 6.66 -4.20
CA ALA A 85 -35.53 5.81 -4.60
C ALA A 85 -34.25 6.63 -4.69
N LYS A 86 -33.12 5.93 -4.57
CA LYS A 86 -31.82 6.51 -4.80
C LYS A 86 -30.97 5.51 -5.56
N MET A 87 -29.92 6.03 -6.22
CA MET A 87 -29.06 5.20 -7.04
C MET A 87 -27.71 5.90 -7.19
N ASN A 88 -26.69 5.10 -7.53
CA ASN A 88 -25.34 5.59 -7.71
C ASN A 88 -25.02 5.65 -9.20
N THR A 89 -24.43 6.77 -9.64
CA THR A 89 -24.04 6.98 -11.02
C THR A 89 -22.58 7.41 -11.08
N SER A 90 -22.09 7.64 -12.29
CA SER A 90 -20.70 8.08 -12.48
C SER A 90 -20.47 9.51 -12.02
N LEU A 91 -21.51 10.23 -11.60
CA LEU A 91 -21.39 11.58 -11.08
C LEU A 91 -21.85 11.68 -9.63
N GLY A 92 -21.91 10.56 -8.92
CA GLY A 92 -22.27 10.53 -7.52
C GLY A 92 -23.64 9.90 -7.30
N GLU A 93 -24.10 9.99 -6.06
CA GLU A 93 -25.39 9.43 -5.67
C GLU A 93 -26.52 10.36 -6.13
N LEU A 94 -27.64 9.75 -6.50
CA LEU A 94 -28.83 10.46 -6.96
C LEU A 94 -29.96 10.09 -5.99
N LYS A 95 -30.28 11.00 -5.08
CA LYS A 95 -31.18 10.71 -3.97
C LYS A 95 -32.55 11.34 -4.17
N ASP A 96 -33.53 10.80 -3.45
CA ASP A 96 -34.89 11.34 -3.39
C ASP A 96 -35.50 11.46 -4.79
N LEU A 97 -35.75 10.30 -5.37
CA LEU A 97 -36.39 10.21 -6.68
C LEU A 97 -37.81 9.71 -6.49
N SER A 98 -38.78 10.46 -7.02
CA SER A 98 -40.20 10.14 -6.84
C SER A 98 -40.68 9.38 -8.07
N TYR A 99 -40.82 8.07 -7.92
CA TYR A 99 -41.35 7.21 -8.98
C TYR A 99 -42.82 6.90 -8.71
N LYS A 100 -43.55 6.63 -9.79
CA LYS A 100 -44.96 6.31 -9.67
C LYS A 100 -45.39 5.56 -10.93
N GLY A 101 -46.45 4.77 -10.79
CA GLY A 101 -46.95 4.00 -11.92
C GLY A 101 -48.20 3.24 -11.52
N THR A 102 -48.62 2.35 -12.40
CA THR A 102 -49.79 1.52 -12.17
C THR A 102 -49.43 0.05 -12.43
N LEU A 103 -50.21 -0.84 -11.85
CA LEU A 103 -50.05 -2.28 -12.01
C LEU A 103 -51.25 -2.85 -12.77
N ASP A 104 -51.30 -4.19 -12.84
CA ASP A 104 -52.38 -4.88 -13.55
C ASP A 104 -52.55 -6.26 -12.96
N ARG A 105 -53.75 -6.56 -12.47
CA ARG A 105 -54.11 -7.92 -12.05
C ARG A 105 -55.04 -8.50 -13.12
N ASN A 106 -54.53 -9.45 -13.90
CA ASN A 106 -55.31 -10.04 -14.98
C ASN A 106 -55.77 -11.44 -14.57
N ASP A 107 -54.88 -12.42 -14.72
CA ASP A 107 -55.18 -13.77 -14.27
C ASP A 107 -54.80 -13.91 -12.80
N GLY A 108 -53.88 -14.82 -12.50
CA GLY A 108 -53.39 -14.97 -11.14
C GLY A 108 -52.03 -14.33 -10.95
N GLN A 109 -51.71 -13.35 -11.79
CA GLN A 109 -50.41 -12.70 -11.75
C GLN A 109 -50.58 -11.20 -11.88
N THR A 110 -49.63 -10.45 -11.33
CA THR A 110 -49.63 -8.99 -11.37
C THR A 110 -48.38 -8.52 -12.12
N THR A 111 -48.57 -7.59 -13.05
CA THR A 111 -47.49 -7.04 -13.84
C THR A 111 -47.47 -5.52 -13.71
N ILE A 112 -46.43 -4.91 -14.28
CA ILE A 112 -46.21 -3.47 -14.20
C ILE A 112 -46.55 -2.85 -15.55
N ASN A 113 -47.47 -1.88 -15.55
CA ASN A 113 -47.70 -1.08 -16.74
C ASN A 113 -46.48 -0.19 -16.96
N TRP A 114 -45.51 -0.67 -17.72
CA TRP A 114 -44.24 0.05 -17.84
C TRP A 114 -44.41 1.34 -18.62
N GLN A 115 -43.74 2.39 -18.15
CA GLN A 115 -43.69 3.68 -18.80
C GLN A 115 -42.27 4.20 -18.71
N PRO A 116 -41.85 5.06 -19.65
CA PRO A 116 -40.48 5.59 -19.60
C PRO A 116 -40.19 6.42 -18.36
N ASN A 117 -41.19 6.74 -17.53
CA ASN A 117 -40.93 7.44 -16.28
C ASN A 117 -40.44 6.51 -15.17
N LEU A 118 -40.37 5.21 -15.43
CA LEU A 118 -39.75 4.26 -14.52
C LEU A 118 -38.27 4.06 -14.82
N VAL A 119 -37.71 4.85 -15.73
CA VAL A 119 -36.26 4.92 -15.94
C VAL A 119 -35.74 6.07 -15.09
N PHE A 120 -36.23 7.27 -15.36
CA PHE A 120 -36.07 8.44 -14.51
C PHE A 120 -37.41 9.12 -14.35
N PRO A 121 -37.66 9.75 -13.21
CA PRO A 121 -38.92 10.49 -13.03
C PRO A 121 -39.01 11.64 -14.02
N GLU A 122 -40.20 11.78 -14.62
CA GLU A 122 -40.52 12.85 -15.55
C GLU A 122 -39.87 12.64 -16.92
N MET A 123 -39.83 11.39 -17.37
CA MET A 123 -39.49 11.07 -18.74
C MET A 123 -40.76 10.72 -19.51
N GLU A 124 -40.86 11.22 -20.75
CA GLU A 124 -42.04 11.06 -21.57
C GLU A 124 -41.69 10.39 -22.90
N GLY A 125 -42.45 9.36 -23.26
CA GLY A 125 -42.39 8.72 -24.57
C GLY A 125 -41.01 8.49 -25.14
N ASN A 126 -40.50 9.47 -25.87
CA ASN A 126 -39.23 9.34 -26.57
C ASN A 126 -38.22 10.40 -26.14
N ASP A 127 -38.02 10.55 -24.85
CA ASP A 127 -37.03 11.49 -24.34
C ASP A 127 -35.67 10.81 -24.18
N LYS A 128 -34.61 11.56 -24.47
CA LYS A 128 -33.25 11.06 -24.42
C LYS A 128 -32.58 11.44 -23.10
N VAL A 129 -31.43 10.83 -22.86
CA VAL A 129 -30.60 11.12 -21.69
C VAL A 129 -29.20 11.45 -22.18
N SER A 130 -28.62 12.51 -21.63
CA SER A 130 -27.30 12.97 -22.03
C SER A 130 -26.38 13.01 -20.82
N LEU A 131 -25.14 12.57 -21.02
CA LEU A 131 -24.12 12.59 -19.97
C LEU A 131 -22.85 13.22 -20.51
N THR A 132 -22.38 14.27 -19.86
CA THR A 132 -21.12 14.93 -20.17
C THR A 132 -20.25 14.91 -18.93
N THR A 133 -18.98 14.57 -19.09
CA THR A 133 -18.07 14.45 -17.96
C THR A 133 -16.73 15.11 -18.28
N GLN A 134 -16.13 15.74 -17.27
CA GLN A 134 -14.77 16.23 -17.32
C GLN A 134 -13.95 15.49 -16.26
N GLU A 135 -12.85 14.88 -16.69
CA GLU A 135 -12.05 14.07 -15.78
C GLU A 135 -11.27 14.95 -14.81
N ALA A 136 -11.14 14.49 -13.58
CA ALA A 136 -10.36 15.23 -12.60
C ALA A 136 -8.87 14.92 -12.77
N ALA A 137 -8.05 15.93 -12.49
CA ALA A 137 -6.60 15.74 -12.52
C ALA A 137 -6.14 15.14 -11.20
N ARG A 138 -5.31 14.10 -11.28
CA ARG A 138 -4.88 13.40 -10.09
C ARG A 138 -3.96 14.26 -9.25
N GLY A 139 -4.17 14.22 -7.94
CA GLY A 139 -3.35 14.98 -7.01
C GLY A 139 -1.91 14.49 -6.97
N ASN A 140 -1.09 15.22 -6.23
CA ASN A 140 0.33 14.94 -6.11
C ASN A 140 0.67 14.44 -4.71
N ILE A 141 1.69 13.59 -4.65
CA ILE A 141 2.29 13.15 -3.40
C ILE A 141 3.65 13.82 -3.30
N ILE A 142 3.89 14.53 -2.20
CA ILE A 142 5.09 15.33 -2.02
C ILE A 142 5.64 15.10 -0.61
N ASP A 143 6.94 15.38 -0.45
CA ASP A 143 7.65 15.04 0.77
C ASP A 143 7.51 16.18 1.79
N ARG A 144 8.28 16.08 2.88
CA ARG A 144 8.17 17.04 3.97
C ARG A 144 8.64 18.44 3.58
N ASN A 145 9.37 18.56 2.48
CA ASN A 145 9.86 19.85 2.00
C ASN A 145 9.28 20.22 0.64
N GLY A 146 8.21 19.55 0.22
CA GLY A 146 7.52 19.92 -0.99
C GLY A 146 8.08 19.34 -2.27
N GLU A 147 9.13 18.52 -2.20
CA GLU A 147 9.67 17.90 -3.40
C GLU A 147 8.71 16.85 -3.95
N PRO A 148 8.64 16.68 -5.27
CA PRO A 148 7.68 15.74 -5.84
C PRO A 148 8.10 14.28 -5.61
N LEU A 149 7.13 13.47 -5.18
CA LEU A 149 7.29 12.03 -5.14
C LEU A 149 6.40 11.30 -6.13
N ALA A 150 5.22 11.86 -6.43
CA ALA A 150 4.34 11.31 -7.46
C ALA A 150 3.56 12.50 -8.02
N THR A 151 3.79 12.83 -9.29
CA THR A 151 3.19 14.00 -9.91
C THR A 151 2.72 13.66 -11.31
N THR A 152 1.75 14.44 -11.79
CA THR A 152 1.29 14.39 -13.16
C THR A 152 2.02 15.44 -13.99
N GLY A 153 2.27 15.11 -15.25
CA GLY A 153 2.96 16.04 -16.12
C GLY A 153 3.21 15.42 -17.48
N LYS A 154 4.09 16.07 -18.24
CA LYS A 154 4.35 15.70 -19.64
C LYS A 154 5.57 14.79 -19.73
N LEU A 155 5.46 13.76 -20.55
CA LEU A 155 6.52 12.78 -20.76
C LEU A 155 6.88 12.72 -22.24
N LYS A 156 8.13 12.34 -22.51
CA LYS A 156 8.63 12.20 -23.88
C LYS A 156 8.41 10.74 -24.31
N GLN A 157 7.45 10.52 -25.20
CA GLN A 157 7.15 9.18 -25.70
C GLN A 157 7.78 9.00 -27.08
N LEU A 158 8.60 7.97 -27.22
CA LEU A 158 9.25 7.64 -28.48
C LEU A 158 8.50 6.51 -29.17
N GLY A 159 8.35 6.64 -30.49
CA GLY A 159 7.71 5.63 -31.30
C GLY A 159 8.20 5.69 -32.72
N VAL A 160 7.69 4.79 -33.55
CA VAL A 160 8.08 4.72 -34.96
C VAL A 160 6.84 4.50 -35.83
N VAL A 161 6.90 5.05 -37.03
CA VAL A 161 5.89 4.81 -38.05
C VAL A 161 6.47 3.83 -39.06
N PRO A 162 5.87 2.65 -39.25
CA PRO A 162 6.47 1.65 -40.14
C PRO A 162 6.61 2.11 -41.58
N SER A 163 5.78 3.06 -42.03
CA SER A 163 5.85 3.50 -43.42
C SER A 163 7.11 4.33 -43.68
N LYS A 164 7.36 5.34 -42.85
CA LYS A 164 8.51 6.21 -43.03
C LYS A 164 9.81 5.56 -42.58
N LEU A 165 9.76 4.32 -42.11
CA LEU A 165 10.97 3.64 -41.65
C LEU A 165 11.78 3.09 -42.81
N GLY A 166 11.13 2.77 -43.92
CA GLY A 166 11.77 2.18 -45.07
C GLY A 166 11.39 0.71 -45.23
N ASP A 167 11.70 0.19 -46.42
CA ASP A 167 11.42 -1.20 -46.75
C ASP A 167 12.70 -1.90 -47.21
N GLY A 168 12.68 -3.22 -47.10
CA GLY A 168 13.83 -4.03 -47.50
C GLY A 168 15.02 -3.85 -46.57
N GLY A 169 16.19 -3.68 -47.17
CA GLY A 169 17.40 -3.42 -46.41
C GLY A 169 17.45 -2.04 -45.79
N GLU A 170 16.69 -1.08 -46.34
CA GLU A 170 16.58 0.23 -45.72
C GLU A 170 15.93 0.13 -44.35
N LYS A 171 15.00 -0.81 -44.19
CA LYS A 171 14.29 -0.98 -42.93
C LYS A 171 15.21 -1.53 -41.84
N THR A 172 15.98 -2.56 -42.17
CA THR A 172 16.82 -3.21 -41.16
C THR A 172 17.90 -2.26 -40.64
N ALA A 173 18.37 -1.33 -41.48
CA ALA A 173 19.39 -0.39 -41.06
C ALA A 173 18.82 0.63 -40.08
N ASN A 174 17.62 1.14 -40.34
CA ASN A 174 17.00 2.09 -39.44
C ASN A 174 16.60 1.44 -38.12
N ILE A 175 16.06 0.22 -38.18
CA ILE A 175 15.65 -0.47 -36.95
C ILE A 175 16.85 -0.71 -36.05
N LYS A 176 17.98 -1.11 -36.63
CA LYS A 176 19.20 -1.24 -35.83
C LYS A 176 19.70 0.11 -35.33
N ALA A 177 19.41 1.19 -36.07
CA ALA A 177 19.79 2.52 -35.60
C ALA A 177 18.93 2.96 -34.42
N ILE A 178 17.64 2.65 -34.45
CA ILE A 178 16.76 2.97 -33.33
C ILE A 178 17.14 2.14 -32.11
N ALA A 179 17.37 0.84 -32.31
CA ALA A 179 17.62 -0.06 -31.19
C ALA A 179 18.91 0.26 -30.47
N SER A 180 19.92 0.78 -31.19
CA SER A 180 21.20 1.11 -30.58
C SER A 180 21.29 2.56 -30.11
N SER A 181 20.34 3.41 -30.49
CA SER A 181 20.35 4.80 -30.07
C SER A 181 19.52 5.06 -28.82
N PHE A 182 18.73 4.07 -28.37
CA PHE A 182 17.88 4.26 -27.21
C PHE A 182 17.87 3.05 -26.28
N ASP A 183 18.83 2.14 -26.43
CA ASP A 183 18.96 0.94 -25.60
C ASP A 183 17.69 0.08 -25.69
N LEU A 184 17.42 -0.39 -26.91
CA LEU A 184 16.28 -1.23 -27.19
C LEU A 184 16.73 -2.49 -27.91
N THR A 185 15.97 -3.56 -27.73
CA THR A 185 16.26 -4.80 -28.44
C THR A 185 15.84 -4.67 -29.90
N GLU A 186 16.72 -5.08 -30.82
CA GLU A 186 16.38 -5.03 -32.23
C GLU A 186 15.22 -5.95 -32.55
N ASP A 187 15.14 -7.10 -31.87
CA ASP A 187 14.04 -8.03 -32.10
C ASP A 187 12.75 -7.60 -31.42
N ALA A 188 12.83 -6.64 -30.49
CA ALA A 188 11.64 -6.16 -29.81
C ALA A 188 10.96 -5.02 -30.58
N ILE A 189 11.73 -4.22 -31.32
CA ILE A 189 11.13 -3.20 -32.17
C ILE A 189 10.28 -3.86 -33.25
N ASN A 190 10.76 -4.99 -33.78
CA ASN A 190 10.00 -5.70 -34.81
C ASN A 190 8.75 -6.36 -34.23
N GLN A 191 8.81 -6.82 -32.98
CA GLN A 191 7.61 -7.40 -32.37
C GLN A 191 6.56 -6.35 -32.10
N ALA A 192 6.98 -5.10 -31.88
CA ALA A 192 6.03 -4.02 -31.64
C ALA A 192 5.28 -3.66 -32.92
N ILE A 193 6.02 -3.49 -34.04
CA ILE A 193 5.39 -3.15 -35.31
C ILE A 193 4.69 -4.32 -35.96
N SER A 194 4.84 -5.53 -35.44
CA SER A 194 4.21 -6.71 -36.00
C SER A 194 2.92 -7.10 -35.28
N GLN A 195 2.53 -6.36 -34.24
CA GLN A 195 1.30 -6.64 -33.54
C GLN A 195 0.10 -6.41 -34.45
N SER A 196 -1.00 -7.09 -34.14
CA SER A 196 -2.16 -7.10 -35.04
C SER A 196 -2.81 -5.73 -35.16
N TRP A 197 -2.72 -4.89 -34.12
CA TRP A 197 -3.39 -3.60 -34.17
C TRP A 197 -2.71 -2.60 -35.09
N VAL A 198 -1.50 -2.87 -35.55
CA VAL A 198 -0.70 -1.87 -36.24
C VAL A 198 -1.12 -1.80 -37.70
N GLN A 199 -1.32 -0.57 -38.20
CA GLN A 199 -1.44 -0.23 -39.60
C GLN A 199 -0.15 0.44 -40.07
N PRO A 200 0.19 0.34 -41.35
CA PRO A 200 1.53 0.79 -41.79
C PRO A 200 1.82 2.25 -41.51
N ASP A 201 0.82 3.09 -41.28
CA ASP A 201 1.02 4.52 -41.09
C ASP A 201 0.87 4.96 -39.64
N TYR A 202 0.55 4.06 -38.72
CA TYR A 202 0.32 4.43 -37.35
C TYR A 202 1.64 4.72 -36.62
N PHE A 203 1.53 5.48 -35.53
CA PHE A 203 2.64 5.76 -34.65
C PHE A 203 2.66 4.69 -33.57
N VAL A 204 3.68 3.84 -33.61
CA VAL A 204 3.79 2.69 -32.69
C VAL A 204 4.69 3.11 -31.53
N PRO A 205 4.15 3.31 -30.33
CA PRO A 205 4.99 3.71 -29.21
C PRO A 205 5.94 2.60 -28.78
N LEU A 206 7.11 3.01 -28.30
CA LEU A 206 8.17 2.07 -27.93
C LEU A 206 8.57 2.21 -26.47
N LYS A 207 9.05 3.38 -26.04
CA LYS A 207 9.39 3.58 -24.63
C LYS A 207 9.37 5.06 -24.31
N ILE A 208 9.48 5.37 -23.02
CA ILE A 208 9.52 6.74 -22.52
C ILE A 208 10.98 7.14 -22.33
N ILE A 209 11.32 8.36 -22.73
CA ILE A 209 12.67 8.89 -22.60
C ILE A 209 12.68 9.85 -21.42
N ASP A 210 13.42 9.50 -20.38
CA ASP A 210 13.44 10.26 -19.14
C ASP A 210 14.64 11.21 -19.04
N GLY A 211 15.21 11.59 -20.18
CA GLY A 211 16.35 12.49 -20.20
C GLY A 211 16.43 13.23 -21.52
N ALA A 212 17.65 13.56 -21.92
CA ALA A 212 17.86 14.21 -23.21
C ALA A 212 17.67 13.21 -24.34
N THR A 213 17.07 13.67 -25.43
CA THR A 213 16.75 12.80 -26.55
C THR A 213 17.79 12.98 -27.65
N PRO A 214 18.52 11.92 -28.03
CA PRO A 214 19.59 12.07 -29.03
C PRO A 214 19.06 12.25 -30.44
N GLU A 215 19.95 12.09 -31.43
CA GLU A 215 19.56 12.24 -32.83
C GLU A 215 18.52 11.19 -33.20
N LEU A 216 17.44 11.63 -33.84
CA LEU A 216 16.36 10.74 -34.24
C LEU A 216 16.65 10.19 -35.63
N PRO A 217 16.92 8.89 -35.78
CA PRO A 217 17.10 8.33 -37.13
C PRO A 217 15.81 8.35 -37.93
N ALA A 218 15.85 7.88 -39.17
CA ALA A 218 14.67 7.89 -40.02
C ALA A 218 13.58 7.01 -39.43
N GLY A 219 12.35 7.53 -39.40
CA GLY A 219 11.22 6.80 -38.91
C GLY A 219 10.96 6.94 -37.42
N ALA A 220 11.86 7.57 -36.67
CA ALA A 220 11.67 7.77 -35.24
C ALA A 220 11.00 9.11 -34.97
N THR A 221 10.06 9.10 -34.03
CA THR A 221 9.32 10.30 -33.65
C THR A 221 9.23 10.38 -32.13
N ILE A 222 9.00 11.59 -31.63
CA ILE A 222 8.83 11.84 -30.21
C ILE A 222 7.60 12.71 -30.02
N GLN A 223 6.67 12.24 -29.20
CA GLN A 223 5.43 12.95 -28.93
C GLN A 223 5.28 13.17 -27.42
N GLU A 224 4.77 14.35 -27.06
CA GLU A 224 4.48 14.64 -25.67
C GLU A 224 3.15 14.01 -25.26
N VAL A 225 3.09 13.51 -24.03
CA VAL A 225 1.89 12.88 -23.51
C VAL A 225 1.86 13.09 -22.00
N ASP A 226 0.64 13.23 -21.47
CA ASP A 226 0.46 13.39 -20.03
C ASP A 226 0.47 12.02 -19.35
N GLY A 227 1.04 11.97 -18.16
CA GLY A 227 1.11 10.70 -17.44
C GLY A 227 1.73 10.89 -16.08
N ARG A 228 1.47 9.89 -15.23
CA ARG A 228 2.04 9.91 -13.88
C ARG A 228 3.55 9.70 -13.96
N TYR A 229 4.27 10.37 -13.06
CA TYR A 229 5.73 10.30 -13.06
C TYR A 229 6.22 10.21 -11.62
N TYR A 230 7.18 9.30 -11.39
CA TYR A 230 7.75 9.10 -10.06
C TYR A 230 9.22 9.49 -10.09
N PRO A 231 9.59 10.65 -9.52
CA PRO A 231 10.96 11.14 -9.68
C PRO A 231 12.02 10.29 -8.99
N LEU A 232 11.69 9.63 -7.88
CA LEU A 232 12.64 8.77 -7.19
C LEU A 232 12.71 7.36 -7.77
N GLY A 233 11.77 6.98 -8.63
CA GLY A 233 11.88 5.71 -9.32
C GLY A 233 11.77 4.55 -8.35
N GLU A 234 12.66 3.57 -8.51
CA GLU A 234 12.62 2.38 -7.67
C GLU A 234 12.94 2.68 -6.21
N ALA A 235 13.55 3.84 -5.93
CA ALA A 235 13.96 4.15 -4.56
C ALA A 235 12.78 4.27 -3.61
N ALA A 236 11.56 4.48 -4.12
CA ALA A 236 10.39 4.60 -3.28
C ALA A 236 9.19 3.85 -3.85
N ALA A 237 9.43 2.82 -4.67
CA ALA A 237 8.35 2.17 -5.40
C ALA A 237 7.39 1.44 -4.45
N GLN A 238 7.93 0.74 -3.45
CA GLN A 238 7.07 -0.01 -2.54
C GLN A 238 6.19 0.91 -1.72
N LEU A 239 6.71 2.07 -1.32
CA LEU A 239 5.93 3.01 -0.52
C LEU A 239 4.89 3.74 -1.37
N ILE A 240 5.33 4.41 -2.44
CA ILE A 240 4.43 5.19 -3.26
C ILE A 240 3.45 4.29 -4.00
N GLY A 241 3.97 3.30 -4.72
CA GLY A 241 3.14 2.47 -5.56
C GLY A 241 3.11 2.97 -6.99
N TYR A 242 2.10 2.51 -7.72
CA TYR A 242 1.93 2.90 -9.11
C TYR A 242 0.45 2.89 -9.45
N VAL A 243 0.10 3.62 -10.50
CA VAL A 243 -1.27 3.68 -10.99
C VAL A 243 -1.36 2.89 -12.29
N GLY A 244 -2.53 2.28 -12.52
CA GLY A 244 -2.78 1.56 -13.73
C GLY A 244 -4.07 2.02 -14.39
N ASP A 245 -4.24 1.61 -15.64
CA ASP A 245 -5.42 1.99 -16.40
C ASP A 245 -6.67 1.34 -15.82
N ILE A 246 -7.74 2.12 -15.72
CA ILE A 246 -8.97 1.66 -15.08
C ILE A 246 -9.70 0.71 -16.02
N THR A 247 -10.16 -0.41 -15.47
CA THR A 247 -10.84 -1.43 -16.25
C THR A 247 -12.35 -1.36 -16.03
N ALA A 248 -13.09 -2.04 -16.91
CA ALA A 248 -14.55 -2.05 -16.79
C ALA A 248 -14.99 -2.72 -15.50
N GLU A 249 -14.15 -3.62 -14.97
CA GLU A 249 -14.47 -4.30 -13.71
C GLU A 249 -14.25 -3.39 -12.51
N ASP A 250 -13.34 -2.42 -12.63
CA ASP A 250 -13.21 -1.40 -11.60
C ASP A 250 -14.41 -0.47 -11.58
N ILE A 251 -14.97 -0.16 -12.75
CA ILE A 251 -16.10 0.76 -12.84
C ILE A 251 -17.35 0.13 -12.21
N ASP A 252 -17.53 -1.18 -12.39
CA ASP A 252 -18.65 -1.86 -11.76
C ASP A 252 -18.56 -1.77 -10.24
N LYS A 253 -17.35 -1.87 -9.68
CA LYS A 253 -17.21 -1.82 -8.22
C LYS A 253 -17.46 -0.42 -7.68
N ASN A 254 -17.00 0.61 -8.40
CA ASN A 254 -17.18 2.00 -7.97
C ASN A 254 -17.45 2.85 -9.21
N PRO A 255 -18.71 3.24 -9.45
CA PRO A 255 -19.01 4.00 -10.67
C PRO A 255 -18.42 5.39 -10.69
N GLU A 256 -17.99 5.93 -9.54
CA GLU A 256 -17.49 7.29 -9.46
C GLU A 256 -16.06 7.44 -9.98
N LEU A 257 -15.46 6.37 -10.49
CA LEU A 257 -14.17 6.46 -11.15
C LEU A 257 -14.35 6.95 -12.58
N SER A 258 -13.26 7.47 -13.14
CA SER A 258 -13.24 7.88 -14.54
C SER A 258 -12.74 6.71 -15.38
N SER A 259 -13.63 6.12 -16.19
CA SER A 259 -13.28 4.98 -17.02
C SER A 259 -12.15 5.29 -17.99
N ASN A 260 -11.80 6.57 -18.12
CA ASN A 260 -10.72 7.01 -18.99
C ASN A 260 -9.47 7.41 -18.22
N GLY A 261 -9.45 7.21 -16.90
CA GLY A 261 -8.33 7.64 -16.07
C GLY A 261 -7.53 6.53 -15.44
N LYS A 262 -6.75 6.86 -14.40
CA LYS A 262 -5.84 5.93 -13.77
C LYS A 262 -6.26 5.69 -12.32
N ILE A 263 -6.03 4.47 -11.84
CA ILE A 263 -6.36 4.07 -10.47
C ILE A 263 -5.10 3.50 -9.81
N GLY A 264 -4.93 3.80 -8.53
CA GLY A 264 -3.78 3.28 -7.80
C GLY A 264 -3.87 1.77 -7.64
N ARG A 265 -2.79 1.07 -7.98
CA ARG A 265 -2.77 -0.38 -7.86
C ARG A 265 -2.04 -0.88 -6.63
N SER A 266 -1.14 -0.09 -6.04
CA SER A 266 -0.43 -0.52 -4.84
C SER A 266 0.09 0.72 -4.12
N GLY A 267 0.51 0.51 -2.87
CA GLY A 267 1.21 1.56 -2.15
C GLY A 267 0.28 2.70 -1.75
N LEU A 268 0.87 3.89 -1.61
CA LEU A 268 0.09 5.05 -1.21
C LEU A 268 -0.84 5.51 -2.32
N GLU A 269 -0.47 5.27 -3.58
CA GLU A 269 -1.36 5.59 -4.70
C GLU A 269 -2.70 4.87 -4.55
N MET A 270 -2.67 3.64 -4.05
CA MET A 270 -3.89 2.87 -3.80
C MET A 270 -4.52 3.20 -2.46
N ALA A 271 -3.70 3.42 -1.43
CA ALA A 271 -4.25 3.75 -0.11
C ALA A 271 -4.92 5.11 -0.11
N PHE A 272 -4.42 6.06 -0.90
CA PHE A 272 -4.99 7.40 -0.98
C PHE A 272 -5.61 7.68 -2.34
N ASP A 273 -6.19 6.66 -2.97
CA ASP A 273 -6.74 6.85 -4.31
C ASP A 273 -7.93 7.82 -4.29
N LYS A 274 -8.81 7.70 -3.29
CA LYS A 274 -10.01 8.53 -3.25
C LYS A 274 -9.65 10.01 -3.10
N ASP A 275 -8.66 10.32 -2.27
CA ASP A 275 -8.26 11.72 -2.09
C ASP A 275 -7.46 12.23 -3.29
N LEU A 276 -6.68 11.36 -3.93
CA LEU A 276 -5.83 11.79 -5.03
C LEU A 276 -6.59 11.90 -6.34
N ARG A 277 -7.63 11.09 -6.54
CA ARG A 277 -8.33 11.08 -7.82
C ARG A 277 -9.32 12.22 -7.98
N GLY A 278 -9.79 12.81 -6.88
CA GLY A 278 -10.77 13.88 -6.98
C GLY A 278 -12.16 13.35 -7.30
N THR A 279 -12.93 14.18 -8.01
CA THR A 279 -14.28 13.83 -8.41
C THR A 279 -14.55 14.31 -9.83
N THR A 280 -15.25 13.48 -10.59
CA THR A 280 -15.57 13.83 -11.98
C THR A 280 -16.64 14.91 -12.01
N GLY A 281 -16.42 15.93 -12.83
CA GLY A 281 -17.41 16.97 -13.06
C GLY A 281 -18.22 16.70 -14.31
N GLY A 282 -19.36 17.36 -14.42
CA GLY A 282 -20.19 17.23 -15.61
C GLY A 282 -21.66 17.34 -15.25
N LYS A 283 -22.49 16.83 -16.16
CA LYS A 283 -23.93 16.99 -16.05
C LYS A 283 -24.64 15.81 -16.67
N LEU A 284 -25.66 15.30 -15.97
CA LEU A 284 -26.55 14.26 -16.46
C LEU A 284 -27.95 14.86 -16.58
N SER A 285 -28.48 14.88 -17.80
CA SER A 285 -29.73 15.57 -18.06
C SER A 285 -30.64 14.74 -18.96
N ILE A 286 -31.93 15.07 -18.88
CA ILE A 286 -32.94 14.53 -19.78
C ILE A 286 -33.25 15.58 -20.84
N THR A 287 -33.41 15.15 -22.08
CA THR A 287 -33.66 16.06 -23.18
C THR A 287 -34.94 15.64 -23.90
N ASP A 288 -35.40 16.52 -24.79
CA ASP A 288 -36.56 16.23 -25.62
C ASP A 288 -36.20 15.21 -26.70
N ALA A 289 -37.22 14.77 -27.44
CA ALA A 289 -36.97 14.01 -28.66
C ALA A 289 -36.13 14.84 -29.63
N ASP A 290 -36.31 16.16 -29.61
CA ASP A 290 -35.41 17.08 -30.32
C ASP A 290 -34.01 16.98 -29.74
N GLY A 291 -33.85 17.48 -28.52
CA GLY A 291 -32.55 17.52 -27.87
C GLY A 291 -32.44 18.69 -26.92
N VAL A 292 -33.50 19.48 -26.81
CA VAL A 292 -33.51 20.61 -25.89
C VAL A 292 -33.60 20.06 -24.46
N GLU A 293 -32.94 20.75 -23.54
CA GLU A 293 -32.75 20.24 -22.20
C GLU A 293 -34.02 20.39 -21.38
N LYS A 294 -34.56 19.27 -20.90
CA LYS A 294 -35.78 19.26 -20.10
C LYS A 294 -35.48 19.41 -18.61
N LYS A 295 -34.68 18.51 -18.05
CA LYS A 295 -34.36 18.55 -16.63
C LYS A 295 -32.93 18.07 -16.41
N VAL A 296 -32.21 18.78 -15.55
CA VAL A 296 -30.89 18.37 -15.10
C VAL A 296 -31.06 17.50 -13.86
N LEU A 297 -30.58 16.26 -13.93
CA LEU A 297 -30.64 15.36 -12.79
C LEU A 297 -29.45 15.54 -11.85
N ILE A 298 -28.24 15.64 -12.40
CA ILE A 298 -27.02 15.78 -11.62
C ILE A 298 -26.10 16.76 -12.33
N GLU A 299 -25.51 17.68 -11.60
CA GLU A 299 -24.51 18.58 -12.18
C GLU A 299 -23.63 19.14 -11.08
N HIS A 300 -22.32 19.10 -11.30
CA HIS A 300 -21.35 19.79 -10.47
C HIS A 300 -20.04 19.89 -11.23
N GLU A 301 -19.17 20.77 -10.74
CA GLU A 301 -17.92 21.03 -11.44
C GLU A 301 -16.86 20.00 -11.06
N VAL A 302 -15.84 19.90 -11.91
CA VAL A 302 -14.73 19.00 -11.64
C VAL A 302 -13.94 19.53 -10.44
N GLN A 303 -13.60 18.63 -9.53
CA GLN A 303 -12.75 18.94 -8.39
C GLN A 303 -11.50 18.08 -8.49
N ASN A 304 -10.36 18.72 -8.73
CA ASN A 304 -9.10 18.00 -8.82
C ASN A 304 -8.73 17.41 -7.46
N GLY A 305 -7.85 16.42 -7.50
CA GLY A 305 -7.46 15.73 -6.27
C GLY A 305 -6.59 16.60 -5.38
N LYS A 306 -6.70 16.36 -4.08
CA LYS A 306 -5.86 17.08 -3.13
C LYS A 306 -4.43 16.56 -3.18
N ASP A 307 -3.49 17.45 -2.87
CA ASP A 307 -2.12 17.01 -2.64
C ASP A 307 -2.01 16.35 -1.27
N ILE A 308 -0.98 15.52 -1.12
CA ILE A 308 -0.73 14.80 0.14
C ILE A 308 0.72 14.99 0.51
N LYS A 309 0.95 15.47 1.74
CA LYS A 309 2.30 15.79 2.21
C LYS A 309 2.75 14.72 3.19
N LEU A 310 3.88 14.09 2.89
CA LEU A 310 4.42 13.03 3.73
C LEU A 310 5.53 13.58 4.63
N THR A 311 5.82 12.82 5.69
CA THR A 311 6.99 13.11 6.51
C THR A 311 8.28 12.73 5.82
N ILE A 312 8.20 12.02 4.69
CA ILE A 312 9.39 11.50 4.03
C ILE A 312 10.33 12.63 3.63
N ASP A 313 11.63 12.39 3.78
CA ASP A 313 12.66 13.23 3.19
C ASP A 313 13.13 12.56 1.91
N ALA A 314 13.02 13.27 0.79
CA ALA A 314 13.38 12.68 -0.50
C ALA A 314 14.87 12.35 -0.57
N LYS A 315 15.73 13.16 0.06
CA LYS A 315 17.16 12.88 0.02
C LYS A 315 17.51 11.70 0.91
N ALA A 316 16.89 11.61 2.09
CA ALA A 316 17.14 10.47 2.96
C ALA A 316 16.58 9.18 2.37
N GLN A 317 15.41 9.26 1.73
CA GLN A 317 14.82 8.08 1.11
C GLN A 317 15.74 7.52 0.03
N LYS A 318 16.30 8.39 -0.82
CA LYS A 318 17.19 7.92 -1.87
C LYS A 318 18.48 7.37 -1.30
N THR A 319 19.08 8.07 -0.32
CA THR A 319 20.32 7.59 0.29
C THR A 319 20.11 6.25 0.98
N ALA A 320 18.99 6.11 1.71
CA ALA A 320 18.71 4.85 2.39
C ALA A 320 18.60 3.70 1.40
N PHE A 321 17.91 3.93 0.28
CA PHE A 321 17.72 2.86 -0.70
C PHE A 321 19.01 2.51 -1.42
N ASP A 322 19.80 3.53 -1.81
CA ASP A 322 21.05 3.28 -2.52
C ASP A 322 22.01 2.48 -1.67
N SER A 323 22.02 2.71 -0.35
CA SER A 323 22.97 2.05 0.53
C SER A 323 22.74 0.55 0.62
N LEU A 324 21.54 0.07 0.31
CA LEU A 324 21.29 -1.36 0.31
C LEU A 324 21.87 -2.05 -0.92
N GLY A 325 22.37 -1.29 -1.89
CA GLY A 325 23.11 -1.84 -3.02
C GLY A 325 22.40 -2.91 -3.82
N GLY A 326 21.07 -2.86 -3.87
CA GLY A 326 20.30 -3.86 -4.59
C GLY A 326 20.11 -5.17 -3.85
N LYS A 327 20.70 -5.32 -2.67
CA LYS A 327 20.52 -6.53 -1.88
C LYS A 327 19.18 -6.48 -1.15
N ALA A 328 18.72 -7.65 -0.69
CA ALA A 328 17.46 -7.72 0.02
C ALA A 328 17.59 -7.10 1.41
N GLY A 329 16.68 -6.17 1.72
CA GLY A 329 16.71 -5.51 3.01
C GLY A 329 15.76 -4.33 3.03
N SER A 330 15.86 -3.54 4.11
CA SER A 330 15.01 -2.37 4.28
C SER A 330 15.63 -1.45 5.32
N THR A 331 15.23 -0.18 5.27
CA THR A 331 15.72 0.83 6.19
C THR A 331 14.58 1.77 6.57
N VAL A 332 14.46 2.06 7.87
CA VAL A 332 13.48 2.99 8.39
C VAL A 332 14.22 4.06 9.18
N ALA A 333 13.96 5.33 8.85
CA ALA A 333 14.53 6.47 9.56
C ALA A 333 13.41 7.33 10.12
N THR A 334 13.55 7.74 11.38
CA THR A 334 12.55 8.57 12.03
C THR A 334 13.22 9.72 12.77
N THR A 335 12.42 10.74 13.09
CA THR A 335 12.76 11.69 14.14
C THR A 335 12.02 11.21 15.39
N PRO A 336 12.68 10.49 16.30
CA PRO A 336 11.94 9.68 17.28
C PRO A 336 11.15 10.47 18.30
N LYS A 337 11.39 11.77 18.46
CA LYS A 337 10.61 12.56 19.41
C LYS A 337 9.23 12.92 18.88
N THR A 338 9.04 12.95 17.56
CA THR A 338 7.74 13.20 16.96
C THR A 338 7.15 11.99 16.26
N GLY A 339 7.99 11.08 15.78
CA GLY A 339 7.54 9.92 15.04
C GLY A 339 7.54 10.08 13.54
N ASP A 340 8.02 11.21 13.03
CA ASP A 340 8.08 11.45 11.59
C ASP A 340 8.88 10.35 10.91
N LEU A 341 8.28 9.72 9.91
CA LEU A 341 8.97 8.72 9.11
C LEU A 341 9.75 9.43 8.00
N LEU A 342 11.08 9.50 8.16
CA LEU A 342 11.90 10.21 7.18
C LEU A 342 12.16 9.37 5.94
N ALA A 343 12.34 8.07 6.12
CA ALA A 343 12.64 7.18 4.99
C ALA A 343 12.03 5.82 5.23
N LEU A 344 11.47 5.23 4.17
CA LEU A 344 10.93 3.87 4.18
C LEU A 344 11.45 3.17 2.91
N ALA A 345 12.67 2.64 2.99
CA ALA A 345 13.31 2.00 1.86
C ALA A 345 13.13 0.48 1.94
N SER A 346 12.95 -0.14 0.77
CA SER A 346 12.86 -1.58 0.64
C SER A 346 13.59 -1.99 -0.62
N SER A 347 14.32 -3.09 -0.54
CA SER A 347 15.19 -3.51 -1.62
C SER A 347 15.19 -5.03 -1.71
N PRO A 348 15.28 -5.59 -2.92
CA PRO A 348 15.35 -4.89 -4.21
C PRO A 348 14.00 -4.31 -4.60
N SER A 349 13.95 -3.53 -5.68
CA SER A 349 12.75 -2.80 -6.03
C SER A 349 12.47 -2.93 -7.52
N TYR A 350 11.31 -2.42 -7.91
CA TYR A 350 10.86 -2.38 -9.30
C TYR A 350 10.79 -0.94 -9.77
N ASP A 351 10.75 -0.77 -11.10
CA ASP A 351 10.63 0.56 -11.69
C ASP A 351 9.16 0.93 -11.79
N PRO A 352 8.68 1.88 -10.98
CA PRO A 352 7.26 2.25 -11.05
C PRO A 352 6.90 3.07 -12.29
N ASN A 353 7.87 3.77 -12.88
CA ASN A 353 7.62 4.50 -14.12
C ASN A 353 7.40 3.53 -15.28
N LYS A 354 8.29 2.53 -15.39
CA LYS A 354 8.07 1.46 -16.35
C LYS A 354 6.78 0.71 -16.05
N MET A 355 6.40 0.63 -14.78
CA MET A 355 5.20 -0.12 -14.41
C MET A 355 3.94 0.59 -14.88
N THR A 356 3.89 1.91 -14.77
CA THR A 356 2.69 2.67 -15.08
C THR A 356 2.61 3.10 -16.54
N ASN A 357 3.71 3.03 -17.29
CA ASN A 357 3.73 3.40 -18.70
C ASN A 357 3.71 2.18 -19.62
N GLY A 358 3.11 1.07 -19.16
CA GLY A 358 3.07 -0.14 -19.96
C GLY A 358 4.35 -0.94 -19.90
N ILE A 359 4.29 -2.13 -19.31
CA ILE A 359 5.44 -3.00 -19.16
C ILE A 359 5.16 -4.29 -19.92
N SER A 360 6.24 -4.91 -20.43
CA SER A 360 6.10 -6.16 -21.16
C SER A 360 5.79 -7.31 -20.21
N GLN A 361 5.28 -8.40 -20.78
CA GLN A 361 4.97 -9.57 -19.97
C GLN A 361 6.23 -10.21 -19.39
N GLU A 362 7.33 -10.17 -20.14
CA GLU A 362 8.57 -10.78 -19.66
C GLU A 362 9.17 -9.96 -18.51
N ASP A 363 9.21 -8.64 -18.65
CA ASP A 363 9.77 -7.79 -17.60
C ASP A 363 8.96 -7.90 -16.31
N TYR A 364 7.63 -7.95 -16.43
CA TYR A 364 6.80 -8.11 -15.24
C TYR A 364 7.02 -9.46 -14.58
N LYS A 365 7.20 -10.50 -15.38
CA LYS A 365 7.44 -11.82 -14.80
C LYS A 365 8.80 -11.88 -14.12
N ALA A 366 9.80 -11.19 -14.69
CA ALA A 366 11.11 -11.11 -14.05
C ALA A 366 11.00 -10.57 -12.63
N TYR A 367 10.07 -9.64 -12.40
CA TYR A 367 9.82 -9.15 -11.05
C TYR A 367 9.18 -10.22 -10.18
N GLU A 368 8.22 -10.97 -10.73
CA GLU A 368 7.50 -11.95 -9.92
C GLU A 368 8.34 -13.20 -9.67
N GLU A 369 9.11 -13.65 -10.65
CA GLU A 369 9.94 -14.83 -10.49
C GLU A 369 11.21 -14.56 -9.70
N ASN A 370 11.57 -13.30 -9.52
CA ASN A 370 12.77 -12.92 -8.77
C ASN A 370 12.67 -13.50 -7.36
N PRO A 371 13.64 -14.32 -6.93
CA PRO A 371 13.54 -14.94 -5.59
C PRO A 371 13.57 -13.92 -4.46
N GLU A 372 14.26 -12.81 -4.65
CA GLU A 372 14.33 -11.77 -3.65
C GLU A 372 13.06 -10.93 -3.59
N GLN A 373 12.13 -11.10 -4.53
CA GLN A 373 10.77 -10.57 -4.50
C GLN A 373 10.75 -9.06 -4.32
N PRO A 374 11.01 -8.30 -5.39
CA PRO A 374 11.06 -6.83 -5.25
C PRO A 374 9.72 -6.18 -4.95
N PHE A 375 8.61 -6.90 -5.09
CA PHE A 375 7.30 -6.31 -4.81
C PHE A 375 6.97 -6.25 -3.32
N ILE A 376 7.78 -6.87 -2.47
CA ILE A 376 7.50 -6.91 -1.04
C ILE A 376 7.85 -5.56 -0.42
N SER A 377 6.94 -5.03 0.38
CA SER A 377 7.23 -3.86 1.22
C SER A 377 7.87 -4.39 2.50
N ARG A 378 9.21 -4.44 2.50
CA ARG A 378 9.91 -5.07 3.60
C ARG A 378 9.84 -4.25 4.89
N PHE A 379 9.66 -2.93 4.78
CA PHE A 379 9.47 -2.12 5.98
C PHE A 379 8.15 -2.41 6.69
N ALA A 380 7.24 -3.16 6.05
CA ALA A 380 5.95 -3.50 6.62
C ALA A 380 5.77 -5.01 6.75
N THR A 381 6.86 -5.77 6.78
CA THR A 381 6.82 -7.22 6.87
C THR A 381 7.37 -7.64 8.23
N GLY A 382 6.65 -8.55 8.90
CA GLY A 382 7.07 -8.98 10.22
C GLY A 382 8.31 -9.85 10.16
N TYR A 383 9.32 -9.48 10.94
CA TYR A 383 10.54 -10.27 11.08
C TYR A 383 10.80 -10.50 12.55
N ALA A 384 11.63 -11.51 12.82
CA ALA A 384 12.22 -11.64 14.15
C ALA A 384 13.24 -10.52 14.33
N PRO A 385 13.17 -9.75 15.41
CA PRO A 385 14.02 -8.54 15.51
C PRO A 385 15.49 -8.84 15.70
N GLY A 386 15.85 -9.99 16.25
CA GLY A 386 17.24 -10.34 16.40
C GLY A 386 17.83 -9.84 17.70
N SER A 387 19.17 -9.78 17.73
CA SER A 387 19.89 -9.47 18.96
C SER A 387 19.61 -8.05 19.44
N THR A 388 19.23 -7.14 18.54
CA THR A 388 18.90 -5.78 18.94
C THR A 388 17.85 -5.79 20.04
N PHE A 389 16.95 -6.78 20.02
CA PHE A 389 15.88 -6.87 21.01
C PHE A 389 16.42 -7.06 22.43
N LYS A 390 17.70 -7.39 22.58
CA LYS A 390 18.29 -7.48 23.91
C LYS A 390 18.13 -6.18 24.69
N MET A 391 18.06 -5.04 24.00
CA MET A 391 17.82 -3.78 24.68
C MET A 391 16.51 -3.82 25.46
N ILE A 392 15.44 -4.28 24.80
CA ILE A 392 14.13 -4.30 25.44
C ILE A 392 14.13 -5.25 26.64
N THR A 393 14.70 -6.44 26.45
CA THR A 393 14.76 -7.40 27.55
C THR A 393 15.54 -6.85 28.73
N ALA A 394 16.63 -6.15 28.45
CA ALA A 394 17.41 -5.53 29.52
C ALA A 394 16.62 -4.45 30.24
N ALA A 395 15.97 -3.58 29.49
CA ALA A 395 15.16 -2.52 30.10
C ALA A 395 14.07 -3.11 30.97
N ILE A 396 13.40 -4.16 30.49
CA ILE A 396 12.41 -4.85 31.31
C ILE A 396 13.06 -5.43 32.55
N GLY A 397 14.26 -6.00 32.40
CA GLY A 397 14.93 -6.58 33.55
C GLY A 397 15.39 -5.56 34.56
N LEU A 398 15.69 -4.34 34.12
CA LEU A 398 16.07 -3.28 35.06
C LEU A 398 14.86 -2.75 35.81
N ASP A 399 13.70 -2.71 35.15
CA ASP A 399 12.49 -2.17 35.77
C ASP A 399 12.02 -3.07 36.91
N ASN A 400 11.88 -4.36 36.65
CA ASN A 400 11.41 -5.28 37.68
C ASN A 400 12.53 -5.79 38.59
N GLY A 401 13.70 -5.16 38.55
CA GLY A 401 14.77 -5.49 39.47
C GLY A 401 15.43 -6.83 39.28
N THR A 402 15.14 -7.53 38.17
CA THR A 402 15.80 -8.81 37.93
C THR A 402 17.27 -8.63 37.59
N ILE A 403 17.61 -7.57 36.87
CA ILE A 403 18.95 -7.36 36.36
C ILE A 403 19.65 -6.29 37.20
N ASP A 404 20.78 -6.67 37.79
CA ASP A 404 21.69 -5.71 38.41
C ASP A 404 22.75 -5.33 37.38
N PRO A 405 22.86 -4.05 36.99
CA PRO A 405 23.82 -3.69 35.94
C PRO A 405 25.26 -4.05 36.25
N ASN A 406 25.60 -4.27 37.52
CA ASN A 406 26.97 -4.54 37.92
C ASN A 406 27.24 -5.99 38.30
N GLU A 407 26.20 -6.78 38.56
CA GLU A 407 26.39 -8.21 38.77
C GLU A 407 27.01 -8.84 37.53
N VAL A 408 28.00 -9.72 37.75
CA VAL A 408 28.77 -10.32 36.67
C VAL A 408 28.44 -11.80 36.62
N LEU A 409 27.84 -12.23 35.50
CA LEU A 409 27.67 -13.64 35.24
C LEU A 409 28.97 -14.24 34.73
N THR A 410 29.25 -15.48 35.14
CA THR A 410 30.44 -16.20 34.71
C THR A 410 30.04 -17.19 33.61
N ILE A 411 30.45 -16.91 32.39
CA ILE A 411 30.08 -17.72 31.23
C ILE A 411 31.34 -18.34 30.66
N ASN A 412 31.36 -19.67 30.57
CA ASN A 412 32.50 -20.41 30.04
C ASN A 412 32.13 -21.01 28.69
N GLY A 413 32.84 -20.59 27.65
CA GLY A 413 32.64 -21.15 26.33
C GLY A 413 31.68 -20.35 25.48
N LEU A 414 31.32 -20.94 24.35
CA LEU A 414 30.43 -20.31 23.39
C LEU A 414 29.02 -20.88 23.41
N LYS A 415 28.79 -21.98 24.12
CA LYS A 415 27.48 -22.63 24.14
C LYS A 415 27.03 -22.83 25.58
N TRP A 416 25.72 -22.76 25.80
CA TRP A 416 25.13 -22.89 27.12
C TRP A 416 23.72 -23.42 27.00
N GLN A 417 23.32 -24.23 27.98
CA GLN A 417 21.95 -24.69 28.11
C GLN A 417 21.59 -24.73 29.59
N LYS A 418 20.30 -24.54 29.89
CA LYS A 418 19.85 -24.49 31.27
C LYS A 418 20.19 -25.79 31.99
N ASP A 419 19.81 -26.93 31.41
CA ASP A 419 20.12 -28.24 31.97
C ASP A 419 20.06 -29.25 30.84
N SER A 420 20.15 -30.54 31.20
CA SER A 420 20.22 -31.60 30.21
C SER A 420 18.91 -31.80 29.45
N SER A 421 17.79 -31.27 29.97
CA SER A 421 16.51 -31.49 29.31
C SER A 421 16.41 -30.79 27.97
N TRP A 422 17.26 -29.80 27.72
CA TRP A 422 17.25 -29.13 26.42
C TRP A 422 17.80 -30.00 25.30
N GLY A 423 18.42 -31.13 25.63
CA GLY A 423 18.92 -32.01 24.58
C GLY A 423 20.11 -31.40 23.89
N SER A 424 20.11 -31.46 22.56
CA SER A 424 21.22 -30.95 21.76
C SER A 424 21.11 -29.47 21.45
N TYR A 425 20.15 -28.76 22.04
CA TYR A 425 20.02 -27.33 21.78
C TYR A 425 20.81 -26.53 22.81
N GLN A 426 21.43 -25.45 22.33
CA GLN A 426 22.23 -24.58 23.20
C GLN A 426 22.20 -23.17 22.64
N VAL A 427 22.12 -22.19 23.54
CA VAL A 427 22.30 -20.80 23.17
C VAL A 427 23.78 -20.57 22.85
N THR A 428 24.05 -19.96 21.72
CA THR A 428 25.41 -19.77 21.22
C THR A 428 25.75 -18.29 21.20
N ARG A 429 27.00 -17.97 21.56
CA ARG A 429 27.53 -16.62 21.48
C ARG A 429 28.81 -16.62 20.65
N VAL A 430 29.25 -15.42 20.29
CA VAL A 430 30.39 -15.27 19.39
C VAL A 430 31.70 -15.13 20.14
N SER A 431 31.74 -14.27 21.16
CA SER A 431 32.96 -13.96 21.89
C SER A 431 32.99 -14.70 23.21
N ASP A 432 34.13 -15.30 23.53
CA ASP A 432 34.31 -16.07 24.76
C ASP A 432 34.85 -15.15 25.86
N VAL A 433 33.96 -14.30 26.35
CA VAL A 433 34.26 -13.45 27.49
C VAL A 433 33.80 -14.16 28.76
N SER A 434 34.67 -14.23 29.76
CA SER A 434 34.35 -14.99 30.97
C SER A 434 33.48 -14.19 31.92
N GLN A 435 33.86 -12.94 32.20
CA GLN A 435 33.13 -12.08 33.14
C GLN A 435 32.26 -11.12 32.34
N VAL A 436 30.94 -11.29 32.45
CA VAL A 436 29.97 -10.57 31.62
C VAL A 436 28.96 -9.90 32.53
N ASP A 437 28.98 -8.57 32.55
CA ASP A 437 27.92 -7.79 33.15
C ASP A 437 27.03 -7.24 32.02
N LEU A 438 26.10 -6.35 32.35
CA LEU A 438 25.18 -5.85 31.35
C LEU A 438 25.92 -5.06 30.27
N LYS A 439 26.82 -4.16 30.68
CA LYS A 439 27.54 -3.36 29.70
C LYS A 439 28.36 -4.23 28.76
N THR A 440 28.98 -5.28 29.28
CA THR A 440 29.74 -6.20 28.43
C THR A 440 28.81 -6.96 27.50
N ALA A 441 27.65 -7.40 28.00
CA ALA A 441 26.73 -8.17 27.16
C ALA A 441 26.21 -7.33 25.99
N LEU A 442 26.04 -6.03 26.21
CA LEU A 442 25.58 -5.16 25.14
C LEU A 442 26.68 -4.82 24.15
N ILE A 443 27.92 -4.68 24.64
CA ILE A 443 29.03 -4.35 23.75
C ILE A 443 29.34 -5.52 22.83
N TYR A 444 29.43 -6.72 23.39
CA TYR A 444 29.76 -7.91 22.62
C TYR A 444 28.54 -8.61 22.04
N SER A 445 27.33 -8.17 22.40
CA SER A 445 26.10 -8.84 21.98
C SER A 445 26.12 -10.30 22.42
N ASP A 446 25.92 -10.52 23.71
CA ASP A 446 26.03 -11.84 24.32
C ASP A 446 24.64 -12.44 24.49
N ASN A 447 24.34 -13.49 23.73
CA ASN A 447 23.04 -14.16 23.88
C ASN A 447 22.93 -14.88 25.20
N ILE A 448 24.02 -15.52 25.65
CA ILE A 448 23.96 -16.37 26.83
C ILE A 448 23.60 -15.55 28.06
N TYR A 449 24.15 -14.34 28.17
CA TYR A 449 23.76 -13.44 29.24
C TYR A 449 22.26 -13.15 29.19
N THR A 450 21.77 -12.75 28.02
CA THR A 450 20.36 -12.39 27.88
C THR A 450 19.45 -13.61 28.07
N ALA A 451 19.86 -14.76 27.54
CA ALA A 451 19.05 -15.97 27.73
C ALA A 451 18.96 -16.34 29.21
N GLN A 452 20.05 -16.13 29.97
CA GLN A 452 20.02 -16.46 31.39
C GLN A 452 19.18 -15.46 32.18
N GLU A 453 19.35 -14.16 31.91
CA GLU A 453 18.57 -13.16 32.62
C GLU A 453 17.09 -13.25 32.27
N THR A 454 16.76 -13.70 31.06
CA THR A 454 15.36 -13.90 30.69
C THR A 454 14.75 -15.05 31.47
N LEU A 455 15.46 -16.18 31.54
CA LEU A 455 14.96 -17.32 32.31
C LEU A 455 14.87 -17.00 33.79
N LYS A 456 15.85 -16.26 34.32
CA LYS A 456 15.80 -15.83 35.70
C LYS A 456 14.61 -14.92 35.95
N MET A 457 14.39 -13.96 35.06
CA MET A 457 13.23 -13.08 35.13
C MET A 457 11.93 -13.87 35.21
N GLY A 458 11.78 -14.84 34.32
CA GLY A 458 10.56 -15.62 34.25
C GLY A 458 9.59 -15.08 33.22
N GLU A 459 8.71 -15.97 32.75
CA GLU A 459 7.78 -15.61 31.67
C GLU A 459 6.81 -14.52 32.11
N LYS A 460 6.25 -14.64 33.31
CA LYS A 460 5.22 -13.71 33.75
C LYS A 460 5.76 -12.28 33.84
N LYS A 461 6.92 -12.11 34.48
CA LYS A 461 7.52 -10.78 34.54
C LYS A 461 8.00 -10.31 33.18
N PHE A 462 8.45 -11.23 32.33
CA PHE A 462 8.92 -10.86 31.00
C PHE A 462 7.76 -10.33 30.15
N ARG A 463 6.63 -11.02 30.18
CA ARG A 463 5.47 -10.59 29.40
C ARG A 463 4.90 -9.29 29.95
N THR A 464 4.91 -9.12 31.27
CA THR A 464 4.42 -7.89 31.88
C THR A 464 5.13 -6.67 31.31
N GLY A 465 6.45 -6.77 31.13
CA GLY A 465 7.18 -5.69 30.50
C GLY A 465 6.88 -5.56 29.01
N LEU A 466 6.77 -6.70 28.33
CA LEU A 466 6.49 -6.67 26.89
C LEU A 466 5.12 -6.10 26.59
N ASP A 467 4.15 -6.31 27.48
CA ASP A 467 2.79 -5.84 27.22
C ASP A 467 2.67 -4.33 27.27
N LYS A 468 3.62 -3.63 27.89
CA LYS A 468 3.60 -2.18 27.90
C LYS A 468 3.93 -1.58 26.53
N PHE A 469 4.36 -2.40 25.57
CA PHE A 469 4.71 -1.90 24.25
C PHE A 469 3.51 -1.95 23.31
N ILE A 470 3.74 -2.25 22.03
CA ILE A 470 2.70 -2.14 21.02
C ILE A 470 2.37 -3.48 20.39
N PHE A 471 2.64 -4.59 21.08
CA PHE A 471 2.26 -5.89 20.55
C PHE A 471 0.74 -6.00 20.49
N GLY A 472 0.23 -6.42 19.33
CA GLY A 472 -1.19 -6.55 19.12
C GLY A 472 -1.88 -5.30 18.62
N GLU A 473 -1.20 -4.16 18.64
CA GLU A 473 -1.81 -2.90 18.25
C GLU A 473 -1.74 -2.68 16.74
N ASP A 474 -2.73 -1.96 16.23
CA ASP A 474 -2.77 -1.53 14.83
C ASP A 474 -2.32 -0.08 14.76
N LEU A 475 -1.18 0.17 14.12
CA LEU A 475 -0.68 1.52 13.99
C LEU A 475 -1.55 2.32 13.03
N ASP A 476 -1.72 3.61 13.32
CA ASP A 476 -2.51 4.50 12.48
C ASP A 476 -1.64 4.96 11.31
N LEU A 477 -1.54 4.09 10.31
CA LEU A 477 -0.70 4.35 9.15
C LEU A 477 -1.40 3.86 7.88
N PRO A 478 -1.27 4.60 6.78
CA PRO A 478 -1.86 4.14 5.52
C PRO A 478 -1.02 3.08 4.84
N ILE A 479 -0.49 2.14 5.62
CA ILE A 479 0.36 1.06 5.11
C ILE A 479 -0.19 -0.25 5.64
N SER A 480 -0.46 -1.19 4.74
CA SER A 480 -0.97 -2.49 5.16
C SER A 480 0.10 -3.25 5.93
N MET A 481 -0.26 -3.71 7.12
CA MET A 481 0.66 -4.46 7.95
C MET A 481 -0.14 -5.25 8.98
N ASN A 482 0.50 -6.26 9.55
CA ASN A 482 -0.10 -7.02 10.63
C ASN A 482 0.46 -6.57 11.96
N PRO A 483 -0.32 -6.67 13.04
CA PRO A 483 0.19 -6.29 14.36
C PRO A 483 1.36 -7.17 14.77
N ALA A 484 2.34 -6.57 15.43
CA ALA A 484 3.45 -7.33 15.97
C ALA A 484 2.95 -8.32 17.01
N GLN A 485 3.66 -9.44 17.16
CA GLN A 485 3.28 -10.46 18.10
C GLN A 485 4.49 -10.90 18.92
N ILE A 486 4.23 -11.24 20.19
CA ILE A 486 5.28 -11.81 21.02
C ILE A 486 5.54 -13.25 20.63
N SER A 487 4.48 -14.04 20.55
CA SER A 487 4.56 -15.43 20.11
C SER A 487 3.23 -15.81 19.47
N ASN A 488 3.12 -17.09 19.11
CA ASN A 488 1.90 -17.56 18.44
C ASN A 488 0.72 -17.58 19.41
N GLU A 489 0.93 -18.03 20.64
CA GLU A 489 -0.10 -18.11 21.65
C GLU A 489 0.20 -17.14 22.79
N ASP A 490 -0.66 -17.16 23.80
CA ASP A 490 -0.52 -16.25 24.93
C ASP A 490 0.49 -16.74 25.97
N SER A 491 1.07 -17.91 25.78
CA SER A 491 2.09 -18.43 26.66
C SER A 491 3.14 -19.19 25.85
N PHE A 492 4.38 -19.13 26.31
CA PHE A 492 5.46 -19.78 25.59
C PHE A 492 5.38 -21.31 25.71
N ASN A 493 5.09 -21.81 26.91
CA ASN A 493 5.04 -23.24 27.18
C ASN A 493 6.35 -23.93 26.82
N SER A 494 7.46 -23.20 26.95
CA SER A 494 8.77 -23.74 26.60
C SER A 494 9.85 -22.85 27.19
N ASP A 495 10.71 -23.41 28.04
CA ASP A 495 11.86 -22.66 28.53
C ASP A 495 12.76 -22.22 27.38
N ILE A 496 12.91 -23.07 26.37
CA ILE A 496 13.74 -22.73 25.22
C ILE A 496 13.16 -21.54 24.46
N LEU A 497 11.85 -21.58 24.20
CA LEU A 497 11.21 -20.48 23.48
C LEU A 497 11.27 -19.18 24.27
N LEU A 498 11.21 -19.27 25.60
CA LEU A 498 11.33 -18.07 26.42
C LEU A 498 12.72 -17.45 26.30
N ALA A 499 13.76 -18.27 26.37
CA ALA A 499 15.12 -17.75 26.23
C ALA A 499 15.36 -17.22 24.83
N ASP A 500 14.88 -17.93 23.80
CA ASP A 500 15.06 -17.46 22.42
C ASP A 500 14.42 -16.09 22.23
N THR A 501 13.19 -15.92 22.75
CA THR A 501 12.52 -14.62 22.67
C THR A 501 13.31 -13.55 23.39
N GLY A 502 14.10 -13.92 24.40
CA GLY A 502 14.86 -12.93 25.14
C GLY A 502 15.82 -12.13 24.29
N TYR A 503 16.54 -12.81 23.38
CA TYR A 503 17.46 -12.13 22.48
C TYR A 503 16.92 -12.03 21.06
N GLY A 504 15.60 -11.94 20.92
CA GLY A 504 14.99 -11.55 19.66
C GLY A 504 14.78 -12.65 18.64
N GLN A 505 14.72 -13.91 19.03
CA GLN A 505 14.45 -15.02 18.12
C GLN A 505 13.04 -15.52 18.39
N GLY A 506 12.83 -16.83 18.55
CA GLY A 506 11.51 -17.34 18.89
C GLY A 506 10.48 -17.03 17.82
N GLU A 507 9.25 -16.81 18.27
CA GLU A 507 8.13 -16.51 17.39
C GLU A 507 7.80 -15.02 17.35
N LEU A 508 8.77 -14.17 17.67
CA LEU A 508 8.59 -12.73 17.57
C LEU A 508 8.44 -12.32 16.10
N LEU A 509 7.45 -11.48 15.82
CA LEU A 509 7.26 -10.92 14.49
C LEU A 509 6.99 -9.43 14.64
N ILE A 510 7.94 -8.60 14.20
CA ILE A 510 7.85 -7.15 14.32
C ILE A 510 8.41 -6.55 13.04
N ASN A 511 7.61 -5.74 12.34
CA ASN A 511 8.13 -5.11 11.13
C ASN A 511 8.99 -3.90 11.49
N PRO A 512 9.85 -3.47 10.56
CA PRO A 512 10.79 -2.38 10.90
C PRO A 512 10.12 -1.11 11.42
N ILE A 513 8.94 -0.76 10.91
CA ILE A 513 8.25 0.43 11.41
C ILE A 513 7.84 0.22 12.87
N GLN A 514 7.27 -0.94 13.17
CA GLN A 514 6.93 -1.25 14.56
C GLN A 514 8.16 -1.34 15.43
N GLN A 515 9.31 -1.71 14.85
CA GLN A 515 10.56 -1.73 15.61
C GLN A 515 11.00 -0.31 15.96
N ALA A 516 10.98 0.60 14.99
CA ALA A 516 11.32 1.99 15.25
C ALA A 516 10.41 2.61 16.29
N ALA A 517 9.16 2.15 16.37
CA ALA A 517 8.25 2.63 17.39
C ALA A 517 8.68 2.15 18.78
N MET A 518 8.97 0.86 18.91
CA MET A 518 9.36 0.32 20.21
C MET A 518 10.69 0.90 20.68
N TYR A 519 11.67 0.98 19.78
CA TYR A 519 12.99 1.46 20.16
C TYR A 519 13.02 2.95 20.45
N SER A 520 11.95 3.68 20.14
CA SER A 520 11.92 5.12 20.41
C SER A 520 11.91 5.43 21.90
N VAL A 521 11.67 4.44 22.76
CA VAL A 521 11.67 4.68 24.20
C VAL A 521 13.02 5.21 24.67
N PHE A 522 14.09 4.80 24.02
CA PHE A 522 15.43 5.22 24.41
C PHE A 522 15.76 6.65 23.98
N ALA A 523 14.91 7.27 23.16
CA ALA A 523 15.07 8.67 22.80
C ALA A 523 14.04 9.57 23.46
N ASN A 524 13.20 9.04 24.35
CA ASN A 524 12.15 9.81 24.98
C ASN A 524 12.01 9.47 26.46
N ASN A 525 13.10 9.03 27.09
CA ASN A 525 13.13 8.73 28.52
C ASN A 525 12.05 7.72 28.91
N GLY A 526 11.87 6.70 28.06
CA GLY A 526 10.91 5.66 28.33
C GLY A 526 9.54 5.87 27.74
N THR A 527 9.33 6.95 27.00
CA THR A 527 8.07 7.20 26.31
C THR A 527 8.14 6.66 24.89
N LEU A 528 7.16 5.85 24.52
CA LEU A 528 7.01 5.36 23.16
C LEU A 528 6.27 6.38 22.32
N VAL A 529 6.85 6.77 21.19
CA VAL A 529 6.27 7.76 20.30
C VAL A 529 5.87 7.06 19.02
N TYR A 530 4.58 7.09 18.69
CA TYR A 530 4.06 6.35 17.57
C TYR A 530 4.58 6.95 16.25
N PRO A 531 4.88 6.12 15.25
CA PRO A 531 5.34 6.65 13.97
C PRO A 531 4.24 7.41 13.25
N LYS A 532 4.66 8.34 12.40
CA LYS A 532 3.77 9.25 11.70
C LYS A 532 4.26 9.43 10.28
N LEU A 533 3.37 9.24 9.31
CA LEU A 533 3.71 9.36 7.90
C LEU A 533 3.10 10.58 7.23
N ILE A 534 1.90 11.00 7.65
CA ILE A 534 1.25 12.18 7.08
C ILE A 534 1.71 13.40 7.86
N ALA A 535 2.23 14.41 7.14
CA ALA A 535 2.96 15.49 7.80
C ALA A 535 2.05 16.30 8.72
N ASP A 536 0.79 16.46 8.35
CA ASP A 536 -0.11 17.33 9.11
C ASP A 536 -0.59 16.69 10.42
N LYS A 537 -0.53 15.37 10.53
CA LYS A 537 -1.13 14.70 11.68
C LYS A 537 -0.39 15.06 12.97
N GLU A 538 -1.07 14.85 14.08
CA GLU A 538 -0.58 15.21 15.41
C GLU A 538 0.21 14.06 16.03
N THR A 539 1.21 14.42 16.81
CA THR A 539 2.06 13.44 17.46
C THR A 539 1.29 12.73 18.58
N LYS A 540 1.34 11.40 18.57
CA LYS A 540 0.72 10.56 19.59
C LYS A 540 1.80 9.71 20.24
N ASP A 541 1.64 9.46 21.54
CA ASP A 541 2.66 8.70 22.26
C ASP A 541 1.99 7.86 23.35
N LYS A 542 2.83 7.29 24.22
CA LYS A 542 2.40 6.29 25.20
C LYS A 542 3.44 6.32 26.31
N LYS A 543 3.03 6.82 27.48
CA LYS A 543 3.98 7.14 28.56
C LYS A 543 4.26 5.91 29.43
N ASN A 544 5.46 5.91 30.01
CA ASN A 544 5.86 4.92 31.02
C ASN A 544 5.87 3.51 30.45
N VAL A 545 6.44 3.35 29.24
CA VAL A 545 6.62 2.02 28.69
C VAL A 545 7.76 1.30 29.42
N ILE A 546 8.93 1.93 29.48
CA ILE A 546 10.00 1.50 30.36
C ILE A 546 10.38 2.67 31.24
N GLY A 547 11.00 2.35 32.38
CA GLY A 547 11.38 3.39 33.32
C GLY A 547 12.49 4.28 32.80
N GLU A 548 12.53 5.50 33.32
CA GLU A 548 13.58 6.43 32.94
C GLU A 548 14.94 5.98 33.44
N THR A 549 14.98 5.27 34.57
CA THR A 549 16.25 4.77 35.09
C THR A 549 16.89 3.76 34.14
N ALA A 550 16.06 2.91 33.52
CA ALA A 550 16.57 1.94 32.57
C ALA A 550 17.17 2.62 31.35
N VAL A 551 16.58 3.73 30.90
CA VAL A 551 17.09 4.43 29.73
C VAL A 551 18.45 5.06 30.04
N GLN A 552 18.55 5.73 31.19
CA GLN A 552 19.82 6.32 31.59
C GLN A 552 20.91 5.29 31.83
N THR A 553 20.53 4.03 32.03
CA THR A 553 21.52 2.97 32.23
C THR A 553 21.97 2.38 30.90
N ILE A 554 21.04 2.17 29.97
CA ILE A 554 21.32 1.41 28.75
C ILE A 554 21.96 2.29 27.68
N VAL A 555 21.48 3.53 27.54
CA VAL A 555 22.02 4.40 26.48
C VAL A 555 23.51 4.64 26.62
N PRO A 556 24.07 4.90 27.81
CA PRO A 556 25.53 4.97 27.91
C PRO A 556 26.23 3.69 27.46
N ASP A 557 25.62 2.53 27.68
CA ASP A 557 26.22 1.29 27.18
C ASP A 557 26.07 1.17 25.67
N LEU A 558 24.99 1.73 25.10
CA LEU A 558 24.83 1.71 23.65
C LEU A 558 25.86 2.60 22.96
N ARG A 559 26.32 3.66 23.64
CA ARG A 559 27.45 4.42 23.12
C ARG A 559 28.69 3.56 23.03
N GLU A 560 28.89 2.66 24.01
CA GLU A 560 30.07 1.81 24.02
C GLU A 560 30.05 0.79 22.89
N VAL A 561 28.87 0.38 22.44
CA VAL A 561 28.78 -0.49 21.28
C VAL A 561 29.47 0.13 20.08
N VAL A 562 29.54 1.46 20.04
CA VAL A 562 30.22 2.17 18.96
C VAL A 562 31.65 2.49 19.32
N GLN A 563 31.88 2.99 20.55
CA GLN A 563 33.17 3.56 20.90
C GLN A 563 34.18 2.50 21.33
N ASP A 564 33.74 1.46 22.03
CA ASP A 564 34.66 0.43 22.50
C ASP A 564 35.32 -0.28 21.32
N VAL A 565 36.59 -0.63 21.49
CA VAL A 565 37.36 -1.19 20.38
C VAL A 565 36.82 -2.55 19.97
N ASN A 566 36.15 -3.26 20.88
CA ASN A 566 35.55 -4.55 20.57
C ASN A 566 34.04 -4.46 20.45
N GLY A 567 33.48 -3.26 20.37
CA GLY A 567 32.05 -3.13 20.14
C GLY A 567 31.67 -3.63 18.76
N THR A 568 30.50 -4.25 18.68
CA THR A 568 30.07 -4.83 17.41
C THR A 568 29.79 -3.80 16.34
N ALA A 569 29.66 -2.52 16.71
CA ALA A 569 29.42 -1.44 15.76
C ALA A 569 30.58 -0.45 15.75
N HIS A 570 31.80 -0.93 15.99
CA HIS A 570 32.91 0.00 16.19
C HIS A 570 33.30 0.71 14.91
N SER A 571 32.98 0.10 13.75
CA SER A 571 33.31 0.74 12.48
C SER A 571 32.58 2.08 12.31
N LEU A 572 31.50 2.30 13.05
CA LEU A 572 30.78 3.57 12.98
C LEU A 572 31.47 4.69 13.75
N SER A 573 32.43 4.37 14.63
CA SER A 573 33.18 5.41 15.32
C SER A 573 34.04 6.22 14.37
N ALA A 574 34.29 5.71 13.16
CA ALA A 574 35.00 6.47 12.14
C ALA A 574 34.28 7.77 11.80
N LEU A 575 32.95 7.78 11.92
CA LEU A 575 32.17 8.95 11.54
C LEU A 575 32.46 10.15 12.44
N GLY A 576 32.88 9.91 13.68
CA GLY A 576 33.14 11.01 14.58
C GLY A 576 31.91 11.80 14.98
N ILE A 577 30.77 11.12 15.09
CA ILE A 577 29.52 11.76 15.49
C ILE A 577 28.98 11.04 16.71
N PRO A 578 28.22 11.70 17.57
CA PRO A 578 27.64 11.02 18.75
C PRO A 578 26.66 9.95 18.31
N LEU A 579 26.94 8.70 18.68
CA LEU A 579 26.13 7.58 18.22
C LEU A 579 25.87 6.62 19.36
N ALA A 580 24.63 6.15 19.44
CA ALA A 580 24.26 4.99 20.24
C ALA A 580 23.71 3.94 19.29
N ALA A 581 24.22 2.71 19.40
CA ALA A 581 23.86 1.69 18.42
C ALA A 581 23.77 0.32 19.09
N LYS A 582 23.16 -0.60 18.35
CA LYS A 582 23.08 -2.00 18.74
C LYS A 582 22.91 -2.82 17.48
N THR A 583 23.82 -3.75 17.23
CA THR A 583 23.72 -4.63 16.09
C THR A 583 23.01 -5.93 16.49
N GLY A 584 22.70 -6.74 15.49
CA GLY A 584 21.96 -7.96 15.76
C GLY A 584 22.02 -8.94 14.62
N THR A 585 21.53 -10.15 14.91
CA THR A 585 21.51 -11.24 13.96
C THR A 585 20.36 -12.18 14.31
N ALA A 586 19.65 -12.64 13.28
CA ALA A 586 18.56 -13.60 13.44
C ALA A 586 18.78 -14.74 12.47
N GLU A 587 18.93 -15.95 13.00
CA GLU A 587 19.07 -17.16 12.20
C GLU A 587 17.68 -17.76 11.98
N ILE A 588 17.38 -18.13 10.73
CA ILE A 588 16.02 -18.50 10.37
C ILE A 588 15.97 -19.75 9.48
N LYS A 589 14.88 -19.86 8.71
CA LYS A 589 14.58 -20.97 7.80
C LYS A 589 14.24 -22.24 8.56
N GLU A 590 13.37 -23.08 7.98
CA GLU A 590 12.79 -24.20 8.71
C GLU A 590 12.42 -25.35 7.79
N LYS A 591 11.76 -25.05 6.68
CA LYS A 591 11.23 -26.07 5.80
C LYS A 591 11.50 -25.70 4.34
N GLN A 592 12.75 -25.33 4.05
CA GLN A 592 13.15 -25.01 2.68
C GLN A 592 14.50 -25.63 2.37
N ASP A 593 15.57 -24.85 2.44
CA ASP A 593 16.90 -25.34 2.14
C ASP A 593 17.61 -25.80 3.41
N VAL A 594 18.67 -26.60 3.23
CA VAL A 594 19.40 -27.14 4.37
C VAL A 594 20.31 -26.10 4.99
N LYS A 595 20.86 -25.20 4.18
CA LYS A 595 21.74 -24.15 4.68
C LYS A 595 20.91 -23.06 5.35
N GLY A 596 21.26 -22.70 6.58
CA GLY A 596 20.50 -21.70 7.31
C GLY A 596 20.79 -20.30 6.79
N LYS A 597 19.73 -19.48 6.77
CA LYS A 597 19.83 -18.10 6.32
C LYS A 597 19.87 -17.16 7.50
N GLU A 598 20.48 -15.98 7.29
CA GLU A 598 20.84 -15.09 8.37
C GLU A 598 20.41 -13.66 8.04
N ASN A 599 19.76 -13.01 8.99
CA ASN A 599 19.35 -11.62 8.86
C ASN A 599 20.22 -10.73 9.74
N SER A 600 20.67 -9.61 9.19
CA SER A 600 21.54 -8.66 9.87
C SER A 600 20.78 -7.38 10.18
N PHE A 601 20.95 -6.86 11.39
CA PHE A 601 20.20 -5.71 11.86
C PHE A 601 21.14 -4.64 12.41
N LEU A 602 20.69 -3.38 12.31
CA LEU A 602 21.37 -2.26 12.94
C LEU A 602 20.32 -1.29 13.47
N PHE A 603 20.51 -0.88 14.73
CA PHE A 603 19.74 0.19 15.34
C PHE A 603 20.71 1.29 15.73
N ALA A 604 20.35 2.54 15.43
CA ALA A 604 21.27 3.64 15.70
C ALA A 604 20.48 4.94 15.81
N PHE A 605 20.86 5.77 16.79
CA PHE A 605 20.25 7.08 16.95
C PHE A 605 21.24 8.01 17.63
N ASN A 606 20.97 9.30 17.53
CA ASN A 606 21.80 10.32 18.17
C ASN A 606 21.40 10.43 19.64
N PRO A 607 22.27 10.10 20.57
CA PRO A 607 21.93 10.17 22.00
C PRO A 607 22.17 11.52 22.66
N ASP A 608 22.61 12.52 21.90
CA ASP A 608 22.82 13.86 22.43
C ASP A 608 21.61 14.76 22.23
N ASN A 609 21.03 14.75 21.02
CA ASN A 609 19.88 15.59 20.72
C ASN A 609 18.60 14.81 20.40
N GLN A 610 18.68 13.48 20.27
CA GLN A 610 17.53 12.66 19.90
C GLN A 610 16.91 13.12 18.59
N GLY A 611 17.74 13.62 17.67
CA GLY A 611 17.22 14.20 16.45
C GLY A 611 16.74 13.20 15.43
N TYR A 612 17.37 12.03 15.36
CA TYR A 612 17.02 11.01 14.39
C TYR A 612 17.18 9.63 15.01
N MET A 613 16.66 8.63 14.30
CA MET A 613 16.74 7.24 14.70
C MET A 613 16.66 6.39 13.44
N MET A 614 17.39 5.27 13.45
CA MET A 614 17.52 4.45 12.26
C MET A 614 17.43 2.97 12.63
N VAL A 615 16.71 2.22 11.81
CA VAL A 615 16.61 0.77 11.91
C VAL A 615 16.78 0.19 10.52
N SER A 616 17.91 -0.47 10.26
CA SER A 616 18.21 -1.06 8.97
C SER A 616 18.36 -2.57 9.11
N MET A 617 18.10 -3.29 8.02
CA MET A 617 18.23 -4.73 8.05
C MET A 617 18.66 -5.23 6.67
N LEU A 618 19.36 -6.37 6.67
CA LEU A 618 19.66 -7.12 5.46
C LEU A 618 19.02 -8.49 5.60
N GLU A 619 18.19 -8.86 4.64
CA GLU A 619 17.51 -10.14 4.66
C GLU A 619 18.32 -11.15 3.86
N ASN A 620 18.54 -12.33 4.46
CA ASN A 620 19.30 -13.41 3.83
C ASN A 620 20.67 -12.90 3.38
N LYS A 621 21.43 -12.42 4.35
CA LYS A 621 22.68 -11.72 4.06
C LYS A 621 23.68 -12.62 3.37
N GLU A 622 24.46 -12.04 2.46
CA GLU A 622 25.63 -12.72 1.94
C GLU A 622 26.73 -12.71 3.01
N ASP A 623 27.79 -13.47 2.74
CA ASP A 623 28.85 -13.62 3.73
C ASP A 623 29.65 -12.33 3.88
N ASP A 624 29.96 -11.98 5.13
CA ASP A 624 30.71 -10.78 5.50
C ASP A 624 29.97 -9.49 5.18
N ASP A 625 28.65 -9.56 4.97
CA ASP A 625 27.82 -8.40 4.73
C ASP A 625 26.98 -8.11 5.97
N SER A 626 26.72 -6.84 6.22
CA SER A 626 25.95 -6.45 7.40
C SER A 626 25.32 -5.09 7.16
N ALA A 627 24.26 -4.81 7.91
CA ALA A 627 23.64 -3.48 7.86
C ALA A 627 24.59 -2.41 8.37
N THR A 628 25.50 -2.77 9.27
CA THR A 628 26.40 -1.79 9.86
C THR A 628 27.38 -1.24 8.83
N LYS A 629 27.93 -2.11 8.00
CA LYS A 629 28.89 -1.67 7.00
C LYS A 629 28.27 -0.87 5.87
N ARG A 630 26.94 -0.69 5.86
CA ARG A 630 26.27 0.07 4.82
C ARG A 630 25.59 1.33 5.32
N ALA A 631 25.75 1.69 6.60
CA ALA A 631 24.91 2.72 7.21
C ALA A 631 25.59 4.07 7.36
N SER A 632 26.87 4.18 7.00
CA SER A 632 27.62 5.40 7.29
C SER A 632 27.04 6.60 6.55
N GLU A 633 26.67 6.44 5.29
CA GLU A 633 26.24 7.58 4.50
C GLU A 633 24.89 8.13 4.98
N LEU A 634 23.94 7.24 5.32
CA LEU A 634 22.67 7.72 5.84
C LEU A 634 22.83 8.35 7.22
N LEU A 635 23.69 7.78 8.06
CA LEU A 635 23.92 8.37 9.38
C LEU A 635 24.58 9.73 9.28
N GLN A 636 25.51 9.90 8.34
CA GLN A 636 26.10 11.21 8.11
C GLN A 636 25.04 12.24 7.73
N TYR A 637 24.12 11.86 6.85
CA TYR A 637 23.08 12.79 6.41
C TYR A 637 22.12 13.13 7.53
N LEU A 638 21.59 12.10 8.20
CA LEU A 638 20.61 12.34 9.26
C LEU A 638 21.21 13.17 10.39
N ASN A 639 22.50 12.96 10.69
CA ASN A 639 23.13 13.71 11.77
C ASN A 639 23.29 15.18 11.42
N GLN A 640 23.52 15.49 10.15
CA GLN A 640 23.72 16.87 9.73
C GLN A 640 22.41 17.64 9.66
N ASN A 641 21.34 17.01 9.16
CA ASN A 641 20.11 17.71 8.81
C ASN A 641 18.97 17.50 9.79
N TYR A 642 19.16 16.69 10.85
CA TYR A 642 18.10 16.42 11.81
C TYR A 642 18.69 16.41 13.22
N GLN A 643 19.00 17.60 13.72
CA GLN A 643 19.50 17.77 15.08
C GLN A 643 18.34 18.02 16.04
#